data_3CK6
#
_entry.id   3CK6
#
_cell.length_a   64.390
_cell.length_b   130.213
_cell.length_c   79.386
_cell.angle_alpha   90.00
_cell.angle_beta   103.41
_cell.angle_gamma   90.00
#
_symmetry.space_group_name_H-M   'P 1 21 1'
#
loop_
_entity.id
_entity.type
_entity.pdbx_description
1 polymer 'Putative membrane transport protein'
2 non-polymer 'CHLORIDE ION'
3 water water
#
_entity_poly.entity_id   1
_entity_poly.type   'polypeptide(L)'
_entity_poly.pdbx_seq_one_letter_code
;SNA(MSE)GF(MSE)IEHWDFSTP(MSE)ATQETTTAEHIQPNHWYHCERLHPDIRGWLEDNHVPRATVDHLLADESRPS
FHPLDDDNF(MSE)LILRGIN(MSE)NENASPED(MSE)LSIRILYFQGALISTRKIPSRAI(MSE)EIRQALAEHKGPK
SLASLLNQIIEGLNGKIDLYLDTIEETLNEFDVNDESTYNHIAAQKALISIKRFIRPQQYAIRDLIESESELVTSRPHQY
RFAHNNITRINETIEFYLGEVALFQDEIKHNRDEKTNKNS
;
_entity_poly.pdbx_strand_id   A,B,C,D,E
#
# COMPACT_ATOMS: atom_id res chain seq x y z
N GLY A 5 -13.06 -4.21 46.27
CA GLY A 5 -13.32 -5.46 45.57
C GLY A 5 -12.89 -5.56 44.12
N PHE A 6 -12.40 -4.47 43.55
CA PHE A 6 -11.96 -4.44 42.15
C PHE A 6 -10.64 -5.17 41.93
N ILE A 8 -8.21 -8.12 41.81
CA ILE A 8 -8.27 -9.57 41.72
C ILE A 8 -7.07 -10.21 42.41
N GLU A 9 -5.89 -9.69 42.10
CA GLU A 9 -4.63 -10.19 42.62
C GLU A 9 -3.55 -9.10 42.54
N HIS A 10 -2.59 -9.17 43.46
CA HIS A 10 -1.52 -8.21 43.62
C HIS A 10 -0.20 -8.98 43.88
N TRP A 11 0.80 -8.77 43.00
CA TRP A 11 2.11 -9.40 43.15
C TRP A 11 3.21 -8.34 43.24
N ASP A 12 4.24 -8.65 44.02
CA ASP A 12 5.40 -7.77 44.23
C ASP A 12 6.60 -8.34 43.49
N PHE A 13 7.02 -7.66 42.43
CA PHE A 13 8.19 -8.11 41.66
C PHE A 13 9.49 -7.42 42.07
N SER A 14 9.54 -6.90 43.30
CA SER A 14 10.74 -6.25 43.80
C SER A 14 11.94 -7.21 43.88
N THR A 15 11.64 -8.49 44.10
CA THR A 15 12.65 -9.56 44.11
C THR A 15 12.34 -10.47 42.91
N PRO A 16 13.32 -11.29 42.49
CA PRO A 16 13.03 -12.20 41.37
C PRO A 16 12.08 -13.35 41.76
N ALA A 18 8.65 -13.48 43.01
CA ALA A 18 7.51 -12.60 43.29
C ALA A 18 6.67 -13.09 44.46
N THR A 19 6.18 -12.15 45.26
CA THR A 19 5.37 -12.48 46.43
C THR A 19 3.98 -11.92 46.27
N GLN A 20 2.98 -12.69 46.70
CA GLN A 20 1.60 -12.25 46.65
C GLN A 20 1.31 -11.30 47.81
N GLU A 21 0.63 -10.22 47.49
CA GLU A 21 0.37 -9.18 48.48
C GLU A 21 -1.13 -8.93 48.64
N THR A 22 -1.47 -8.14 49.67
CA THR A 22 -2.86 -7.78 49.96
C THR A 22 -3.59 -7.09 48.80
N THR A 23 -4.89 -7.40 48.65
CA THR A 23 -5.72 -6.74 47.61
C THR A 23 -6.38 -5.43 48.10
N THR A 24 -5.98 -4.97 49.30
CA THR A 24 -6.37 -3.64 49.77
C THR A 24 -5.13 -2.75 49.76
N ALA A 25 -4.59 -2.52 48.58
CA ALA A 25 -3.36 -1.74 48.38
C ALA A 25 -3.65 -0.31 47.91
N GLU A 26 -3.57 0.65 48.84
CA GLU A 26 -3.96 2.04 48.56
C GLU A 26 -3.07 2.75 47.53
N HIS A 27 -1.78 2.81 47.80
CA HIS A 27 -0.80 3.44 46.92
C HIS A 27 -0.27 2.39 45.96
N ILE A 28 -0.14 2.78 44.70
CA ILE A 28 0.61 2.05 43.70
C ILE A 28 2.11 2.14 44.01
N GLN A 29 2.78 0.98 43.99
CA GLN A 29 4.21 0.89 44.29
C GLN A 29 4.96 0.40 43.05
N PRO A 30 6.17 0.91 42.80
CA PRO A 30 6.97 0.44 41.67
C PRO A 30 7.30 -1.06 41.80
N ASN A 31 7.34 -1.75 40.66
CA ASN A 31 7.62 -3.19 40.57
C ASN A 31 6.51 -4.09 41.09
N HIS A 32 5.33 -3.52 41.31
CA HIS A 32 4.16 -4.29 41.65
C HIS A 32 3.24 -4.47 40.43
N TRP A 33 2.49 -5.56 40.45
CA TRP A 33 1.49 -5.88 39.45
C TRP A 33 0.13 -5.95 40.13
N TYR A 34 -0.80 -5.15 39.63
CA TYR A 34 -2.18 -5.13 40.11
C TYR A 34 -3.09 -5.62 38.99
N HIS A 35 -3.76 -6.75 39.24
CA HIS A 35 -4.69 -7.29 38.24
C HIS A 35 -6.08 -7.02 38.76
N CYS A 36 -6.88 -6.33 37.94
CA CYS A 36 -8.13 -5.69 38.37
C CYS A 36 -9.36 -5.96 37.49
N GLU A 37 -10.54 -5.88 38.10
CA GLU A 37 -11.82 -5.93 37.39
C GLU A 37 -12.16 -4.57 36.77
N ARG A 38 -12.09 -4.49 35.45
CA ARG A 38 -12.31 -3.24 34.72
C ARG A 38 -13.65 -2.58 35.03
N LEU A 39 -14.71 -3.38 35.19
CA LEU A 39 -16.07 -2.83 35.35
C LEU A 39 -16.59 -2.67 36.78
N HIS A 40 -15.71 -2.79 37.75
CA HIS A 40 -16.06 -2.59 39.14
C HIS A 40 -16.20 -1.09 39.44
N PRO A 41 -17.26 -0.69 40.17
CA PRO A 41 -17.46 0.73 40.51
C PRO A 41 -16.33 1.46 41.24
N ASP A 42 -15.46 0.74 41.95
CA ASP A 42 -14.41 1.38 42.74
C ASP A 42 -13.11 1.60 41.99
N ILE A 43 -12.99 1.03 40.78
CA ILE A 43 -11.70 1.09 40.06
C ILE A 43 -11.31 2.50 39.59
N ARG A 44 -12.28 3.28 39.10
CA ARG A 44 -11.96 4.64 38.68
C ARG A 44 -11.37 5.48 39.82
N GLY A 45 -11.98 5.38 41.00
CA GLY A 45 -11.57 6.17 42.17
C GLY A 45 -10.16 5.84 42.60
N TRP A 46 -9.79 4.56 42.48
CA TRP A 46 -8.46 4.11 42.88
C TRP A 46 -7.39 4.64 41.92
N LEU A 47 -7.67 4.54 40.62
CA LEU A 47 -6.77 5.07 39.58
C LEU A 47 -6.58 6.58 39.72
N GLU A 48 -7.69 7.31 39.82
CA GLU A 48 -7.62 8.76 39.90
C GLU A 48 -6.90 9.22 41.20
N ASP A 49 -7.18 8.54 42.30
CA ASP A 49 -6.50 8.84 43.58
C ASP A 49 -5.00 8.55 43.53
N ASN A 50 -4.62 7.60 42.69
CA ASN A 50 -3.21 7.34 42.43
C ASN A 50 -2.67 8.14 41.25
N HIS A 51 -3.41 9.18 40.84
CA HIS A 51 -2.95 10.21 39.90
C HIS A 51 -2.96 9.83 38.45
N VAL A 52 -3.70 8.80 38.08
CA VAL A 52 -3.92 8.53 36.68
C VAL A 52 -4.89 9.61 36.17
N PRO A 53 -4.49 10.37 35.14
CA PRO A 53 -5.39 11.43 34.65
C PRO A 53 -6.76 10.89 34.23
N ARG A 54 -7.80 11.71 34.39
CA ARG A 54 -9.17 11.26 34.14
C ARG A 54 -9.37 10.76 32.70
N ALA A 55 -8.83 11.48 31.73
CA ALA A 55 -8.98 11.10 30.33
C ALA A 55 -8.29 9.78 30.03
N THR A 56 -7.18 9.49 30.69
CA THR A 56 -6.57 8.18 30.48
C THR A 56 -7.34 7.04 31.17
N VAL A 57 -7.89 7.31 32.36
CA VAL A 57 -8.88 6.38 32.97
C VAL A 57 -10.08 6.18 32.01
N ASP A 58 -10.59 7.27 31.43
CA ASP A 58 -11.71 7.15 30.45
C ASP A 58 -11.42 6.16 29.33
N HIS A 59 -10.23 6.27 28.73
CA HIS A 59 -9.85 5.40 27.61
C HIS A 59 -9.63 3.97 28.05
N LEU A 60 -8.96 3.80 29.18
CA LEU A 60 -8.71 2.48 29.76
C LEU A 60 -10.00 1.72 30.02
N LEU A 61 -11.00 2.42 30.53
CA LEU A 61 -12.25 1.81 30.97
C LEU A 61 -13.34 1.85 29.90
N ALA A 62 -13.09 2.47 28.75
CA ALA A 62 -14.14 2.71 27.76
C ALA A 62 -14.83 1.42 27.33
N ASP A 63 -16.05 1.56 26.84
CA ASP A 63 -16.86 0.43 26.37
C ASP A 63 -16.25 -0.20 25.11
N GLU A 64 -15.89 0.65 24.14
CA GLU A 64 -15.27 0.18 22.90
C GLU A 64 -13.76 0.41 22.93
N SER A 65 -13.02 -0.52 22.33
CA SER A 65 -11.56 -0.40 22.28
C SER A 65 -10.99 -1.18 21.09
N ARG A 66 -9.74 -0.84 20.76
CA ARG A 66 -8.93 -1.60 19.81
C ARG A 66 -7.52 -1.82 20.36
N PRO A 67 -6.88 -2.96 20.00
CA PRO A 67 -5.47 -3.11 20.36
C PRO A 67 -4.66 -1.89 19.94
N SER A 68 -3.86 -1.39 20.86
CA SER A 68 -3.11 -0.16 20.62
C SER A 68 -2.09 0.09 21.73
N PHE A 69 -1.05 0.82 21.38
CA PHE A 69 -0.05 1.28 22.33
C PHE A 69 -0.15 2.79 22.40
N HIS A 70 -0.16 3.33 23.64
CA HIS A 70 -0.18 4.78 23.86
C HIS A 70 0.99 5.23 24.76
N PRO A 71 1.99 5.94 24.18
CA PRO A 71 2.97 6.50 25.13
C PRO A 71 2.27 7.60 25.95
N LEU A 72 2.51 7.61 27.25
CA LEU A 72 1.87 8.62 28.08
C LEU A 72 3.01 9.50 28.52
N ASP A 73 2.95 10.20 29.62
CA ASP A 73 4.25 10.86 29.93
C ASP A 73 5.16 10.10 30.87
N ASP A 74 6.39 10.59 31.09
CA ASP A 74 7.28 10.07 32.16
C ASP A 74 7.42 8.53 32.24
N ASP A 75 7.88 7.90 31.15
CA ASP A 75 8.04 6.44 31.09
C ASP A 75 6.74 5.62 31.22
N ASN A 76 5.61 6.30 31.39
CA ASN A 76 4.29 5.61 31.47
C ASN A 76 3.71 5.29 30.09
N PHE A 77 2.85 4.28 30.04
CA PHE A 77 2.17 3.98 28.79
C PHE A 77 0.90 3.17 29.04
N LEU A 79 -1.13 -0.05 27.17
CA LEU A 79 -1.19 -1.10 26.14
C LEU A 79 -2.50 -1.88 26.23
N ILE A 80 -3.17 -1.98 25.09
CA ILE A 80 -4.43 -2.72 24.95
C ILE A 80 -4.25 -3.87 23.95
N LEU A 81 -4.71 -5.05 24.36
CA LEU A 81 -4.57 -6.29 23.56
C LEU A 81 -5.83 -7.10 23.66
N ARG A 82 -6.05 -7.97 22.67
CA ARG A 82 -7.20 -8.87 22.62
C ARG A 82 -6.75 -10.33 22.70
N GLY A 83 -7.62 -11.20 23.20
CA GLY A 83 -7.31 -12.61 23.28
C GLY A 83 -8.53 -13.43 22.84
N ILE A 84 -8.32 -14.71 22.56
CA ILE A 84 -9.40 -15.65 22.30
C ILE A 84 -10.27 -15.81 23.55
N ASN A 85 -11.59 -15.87 23.40
CA ASN A 85 -12.46 -16.04 24.54
C ASN A 85 -12.60 -17.55 24.77
N ASN A 87 -13.79 -18.95 27.63
CA ASN A 87 -14.72 -19.22 28.69
C ASN A 87 -15.82 -20.18 28.24
N GLU A 88 -16.32 -20.95 29.20
CA GLU A 88 -17.36 -21.95 28.89
C GLU A 88 -18.55 -21.22 28.33
N ASN A 89 -19.10 -21.78 27.24
CA ASN A 89 -20.28 -21.24 26.54
C ASN A 89 -20.13 -19.86 25.91
N ALA A 90 -18.90 -19.42 25.72
CA ALA A 90 -18.63 -18.19 25.02
C ALA A 90 -18.33 -18.48 23.56
N SER A 91 -18.37 -17.45 22.73
CA SER A 91 -17.92 -17.60 21.36
C SER A 91 -16.46 -17.15 21.34
N PRO A 92 -15.58 -18.01 20.81
CA PRO A 92 -14.12 -17.72 20.94
C PRO A 92 -13.75 -16.44 20.19
N GLU A 93 -14.52 -16.13 19.15
CA GLU A 93 -14.29 -14.90 18.39
C GLU A 93 -14.98 -13.66 18.98
N ASP A 94 -15.77 -13.85 20.02
CA ASP A 94 -16.15 -12.75 20.93
C ASP A 94 -14.92 -12.40 21.81
N LEU A 96 -11.68 -11.23 24.03
CA LEU A 96 -11.53 -10.48 25.25
C LEU A 96 -10.54 -9.35 24.99
N SER A 97 -10.61 -8.31 25.81
CA SER A 97 -9.70 -7.15 25.75
C SER A 97 -9.08 -7.01 27.12
N ILE A 98 -7.74 -7.02 27.16
CA ILE A 98 -6.96 -6.75 28.37
C ILE A 98 -6.36 -5.34 28.19
N ARG A 99 -6.59 -4.44 29.14
CA ARG A 99 -6.12 -3.05 29.05
C ARG A 99 -5.15 -2.80 30.18
N ILE A 100 -3.93 -2.40 29.82
CA ILE A 100 -2.82 -2.40 30.73
C ILE A 100 -2.24 -1.01 30.82
N LEU A 101 -1.94 -0.56 32.03
CA LEU A 101 -1.19 0.66 32.26
C LEU A 101 0.15 0.30 32.88
N TYR A 102 1.22 0.86 32.32
CA TYR A 102 2.51 0.86 33.00
C TYR A 102 2.61 2.26 33.58
N PHE A 103 2.51 2.37 34.89
CA PHE A 103 2.31 3.66 35.51
C PHE A 103 3.13 3.78 36.80
N GLN A 104 4.01 4.79 36.89
CA GLN A 104 4.96 4.94 38.00
C GLN A 104 5.71 3.63 38.36
N GLY A 105 6.10 2.88 37.35
CA GLY A 105 6.89 1.65 37.54
C GLY A 105 6.09 0.44 37.99
N ALA A 106 4.76 0.58 38.00
CA ALA A 106 3.84 -0.53 38.27
C ALA A 106 3.11 -0.95 37.00
N LEU A 107 2.74 -2.21 36.97
CA LEU A 107 1.90 -2.71 35.89
C LEU A 107 0.51 -2.93 36.47
N ILE A 108 -0.48 -2.28 35.87
CA ILE A 108 -1.87 -2.41 36.28
C ILE A 108 -2.59 -3.01 35.09
N SER A 109 -3.11 -4.22 35.24
CA SER A 109 -3.91 -4.80 34.16
C SER A 109 -5.37 -4.86 34.56
N THR A 110 -6.25 -4.71 33.57
CA THR A 110 -7.68 -4.73 33.80
C THR A 110 -8.37 -5.71 32.84
N ARG A 111 -9.30 -6.49 33.39
CA ARG A 111 -10.01 -7.49 32.61
C ARG A 111 -11.53 -7.38 32.78
N LYS A 112 -12.24 -7.89 31.80
CA LYS A 112 -13.67 -8.16 31.97
C LYS A 112 -13.87 -9.64 31.65
N ILE A 113 -13.66 -10.05 30.41
CA ILE A 113 -13.74 -11.49 30.07
C ILE A 113 -12.42 -12.13 30.56
N PRO A 114 -12.48 -13.14 31.46
CA PRO A 114 -11.20 -13.70 31.94
C PRO A 114 -10.34 -14.32 30.85
N SER A 115 -9.03 -14.15 31.00
CA SER A 115 -8.01 -14.65 30.08
C SER A 115 -7.37 -15.95 30.62
N ARG A 116 -7.39 -16.99 29.79
CA ARG A 116 -6.65 -18.22 30.11
C ARG A 116 -5.11 -18.01 30.23
N ALA A 117 -4.54 -17.15 29.38
CA ALA A 117 -3.12 -16.88 29.43
C ALA A 117 -2.74 -16.26 30.78
N ILE A 118 -3.56 -15.30 31.23
CA ILE A 118 -3.30 -14.66 32.55
C ILE A 118 -3.52 -15.62 33.72
N GLU A 120 -2.93 -18.77 33.62
CA GLU A 120 -1.73 -19.64 33.64
C GLU A 120 -0.51 -18.94 34.26
N ILE A 121 -0.39 -17.65 33.97
CA ILE A 121 0.65 -16.84 34.62
C ILE A 121 0.47 -16.78 36.16
N ARG A 122 -0.77 -16.54 36.61
CA ARG A 122 -1.10 -16.49 38.05
C ARG A 122 -0.83 -17.83 38.74
N GLN A 123 -1.17 -18.92 38.06
CA GLN A 123 -0.89 -20.25 38.58
C GLN A 123 0.60 -20.53 38.71
N ALA A 124 1.39 -20.09 37.71
CA ALA A 124 2.84 -20.27 37.74
C ALA A 124 3.46 -19.49 38.91
N LEU A 125 3.02 -18.26 39.11
CA LEU A 125 3.42 -17.45 40.27
C LEU A 125 3.10 -18.09 41.62
N ALA A 126 1.91 -18.68 41.73
CA ALA A 126 1.51 -19.43 42.94
C ALA A 126 2.42 -20.62 43.23
N GLU A 127 3.10 -21.09 42.18
CA GLU A 127 3.97 -22.27 42.27
C GLU A 127 5.47 -21.90 42.21
N HIS A 128 5.77 -20.61 42.33
CA HIS A 128 7.14 -20.07 42.32
C HIS A 128 7.89 -20.27 41.00
N LYS A 129 7.18 -20.32 39.88
CA LYS A 129 7.86 -20.33 38.57
C LYS A 129 7.27 -19.37 37.57
N GLY A 130 6.80 -18.24 38.06
CA GLY A 130 6.29 -17.20 37.19
C GLY A 130 7.44 -16.34 36.71
N PRO A 131 7.10 -15.28 35.99
CA PRO A 131 8.10 -14.35 35.49
C PRO A 131 8.85 -13.73 36.65
N LYS A 132 10.08 -13.28 36.40
CA LYS A 132 11.00 -12.80 37.46
C LYS A 132 11.08 -11.27 37.54
N SER A 133 10.27 -10.59 36.74
CA SER A 133 10.28 -9.11 36.65
C SER A 133 9.03 -8.61 35.96
N LEU A 134 8.71 -7.32 36.13
CA LEU A 134 7.61 -6.74 35.33
C LEU A 134 7.87 -6.84 33.83
N ALA A 135 9.14 -6.63 33.41
CA ALA A 135 9.51 -6.75 31.98
C ALA A 135 9.13 -8.15 31.44
N SER A 136 9.43 -9.19 32.21
CA SER A 136 9.18 -10.57 31.81
C SER A 136 7.68 -10.88 31.86
N LEU A 137 7.01 -10.41 32.92
CA LEU A 137 5.56 -10.54 33.02
C LEU A 137 4.81 -9.99 31.80
N LEU A 138 5.14 -8.77 31.37
CA LEU A 138 4.45 -8.18 30.22
C LEU A 138 4.67 -9.01 28.95
N ASN A 139 5.92 -9.39 28.71
CA ASN A 139 6.32 -10.27 27.61
C ASN A 139 5.53 -11.59 27.64
N GLN A 140 5.33 -12.13 28.85
CA GLN A 140 4.59 -13.37 29.00
C GLN A 140 3.10 -13.19 28.74
N ILE A 141 2.55 -12.03 29.11
CA ILE A 141 1.13 -11.73 28.77
C ILE A 141 0.94 -11.67 27.23
N ILE A 142 1.82 -10.92 26.56
CA ILE A 142 1.75 -10.82 25.09
C ILE A 142 1.86 -12.19 24.40
N GLU A 143 2.88 -12.97 24.77
CA GLU A 143 3.14 -14.27 24.18
C GLU A 143 2.07 -15.28 24.62
N GLY A 144 1.57 -15.16 25.85
CA GLY A 144 0.48 -16.02 26.30
C GLY A 144 -0.78 -15.82 25.46
N LEU A 145 -1.14 -14.56 25.22
CA LEU A 145 -2.24 -14.24 24.30
C LEU A 145 -2.00 -14.76 22.88
N ASN A 146 -0.83 -14.48 22.30
CA ASN A 146 -0.39 -15.10 21.01
C ASN A 146 -0.63 -16.60 20.98
N GLY A 147 -0.17 -17.27 22.04
CA GLY A 147 -0.25 -18.72 22.15
C GLY A 147 -1.67 -19.27 22.08
N LYS A 148 -2.59 -18.62 22.79
CA LYS A 148 -3.99 -19.05 22.77
C LYS A 148 -4.65 -18.79 21.41
N ILE A 149 -4.23 -17.71 20.76
CA ILE A 149 -4.65 -17.41 19.39
C ILE A 149 -4.18 -18.56 18.47
N ASP A 150 -2.93 -18.97 18.60
CA ASP A 150 -2.41 -20.11 17.84
C ASP A 150 -3.24 -21.38 18.06
N LEU A 151 -3.58 -21.65 19.32
CA LEU A 151 -4.34 -22.84 19.65
C LEU A 151 -5.68 -22.84 18.91
N TYR A 152 -6.38 -21.70 18.93
CA TYR A 152 -7.67 -21.60 18.31
C TYR A 152 -7.57 -21.76 16.79
N LEU A 153 -6.56 -21.09 16.21
CA LEU A 153 -6.27 -21.17 14.78
C LEU A 153 -6.06 -22.62 14.31
N ASP A 154 -5.50 -23.44 15.21
CA ASP A 154 -5.27 -24.85 14.92
C ASP A 154 -6.58 -25.57 14.75
N THR A 155 -7.60 -25.16 15.50
CA THR A 155 -8.95 -25.76 15.36
C THR A 155 -9.58 -25.38 14.03
N ILE A 156 -9.30 -24.15 13.58
CA ILE A 156 -9.81 -23.66 12.30
C ILE A 156 -9.15 -24.47 11.18
N GLU A 157 -7.84 -24.64 11.30
CA GLU A 157 -7.06 -25.44 10.34
C GLU A 157 -7.59 -26.87 10.21
N GLU A 158 -7.95 -27.49 11.33
CA GLU A 158 -8.58 -28.81 11.33
C GLU A 158 -9.86 -28.80 10.48
N THR A 159 -10.71 -27.82 10.73
CA THR A 159 -11.95 -27.63 9.97
C THR A 159 -11.65 -27.52 8.47
N LEU A 160 -10.63 -26.73 8.14
CA LEU A 160 -10.23 -26.51 6.75
C LEU A 160 -9.70 -27.79 6.08
N ASN A 161 -8.89 -28.55 6.81
CA ASN A 161 -8.32 -29.80 6.29
C ASN A 161 -9.38 -30.86 6.04
N GLU A 162 -10.58 -30.65 6.58
CA GLU A 162 -11.69 -31.58 6.41
C GLU A 162 -12.69 -31.19 5.31
N PHE A 163 -12.46 -30.02 4.68
CA PHE A 163 -13.19 -29.66 3.46
C PHE A 163 -13.13 -30.81 2.45
N ASP A 164 -14.31 -31.26 2.01
CA ASP A 164 -14.39 -32.27 0.97
C ASP A 164 -15.58 -31.91 0.09
N VAL A 165 -15.28 -31.56 -1.16
CA VAL A 165 -16.28 -31.01 -2.06
C VAL A 165 -17.43 -32.03 -2.29
N ASN A 166 -17.10 -33.32 -2.15
CA ASN A 166 -18.04 -34.42 -2.35
C ASN A 166 -18.73 -34.86 -1.07
N ASP A 167 -18.69 -34.01 -0.04
CA ASP A 167 -19.25 -34.36 1.25
C ASP A 167 -19.79 -33.12 1.95
N GLU A 168 -21.09 -32.87 1.76
CA GLU A 168 -21.79 -31.66 2.25
C GLU A 168 -21.77 -31.48 3.76
N SER A 169 -21.57 -32.56 4.50
CA SER A 169 -21.35 -32.46 5.95
C SER A 169 -20.07 -31.68 6.28
N THR A 170 -19.22 -31.43 5.27
CA THR A 170 -17.95 -30.74 5.52
C THR A 170 -18.00 -29.26 5.09
N TYR A 171 -19.13 -28.84 4.54
CA TYR A 171 -19.35 -27.48 4.01
C TYR A 171 -19.47 -26.43 5.13
N ASN A 172 -18.43 -26.31 5.96
CA ASN A 172 -18.38 -25.39 7.11
C ASN A 172 -17.63 -24.08 6.83
N HIS A 173 -17.45 -23.76 5.55
CA HIS A 173 -16.67 -22.61 5.08
C HIS A 173 -17.25 -21.25 5.50
N ILE A 174 -18.56 -21.12 5.57
CA ILE A 174 -19.16 -19.86 5.98
C ILE A 174 -18.81 -19.56 7.45
N ALA A 175 -18.93 -20.57 8.33
CA ALA A 175 -18.61 -20.40 9.75
C ALA A 175 -17.12 -20.07 9.98
N ALA A 176 -16.24 -20.78 9.26
CA ALA A 176 -14.80 -20.54 9.35
C ALA A 176 -14.45 -19.13 8.87
N GLN A 177 -15.03 -18.73 7.75
CA GLN A 177 -14.83 -17.37 7.24
C GLN A 177 -15.27 -16.31 8.25
N LYS A 178 -16.45 -16.51 8.85
CA LYS A 178 -16.98 -15.65 9.92
C LYS A 178 -16.03 -15.51 11.09
N ALA A 179 -15.51 -16.64 11.58
CA ALA A 179 -14.56 -16.65 12.68
C ALA A 179 -13.31 -15.88 12.32
N LEU A 180 -12.75 -16.16 11.15
CA LEU A 180 -11.48 -15.57 10.72
C LEU A 180 -11.57 -14.05 10.53
N ILE A 181 -12.64 -13.55 9.90
CA ILE A 181 -12.78 -12.09 9.77
C ILE A 181 -12.96 -11.39 11.12
N SER A 182 -13.70 -12.04 12.04
CA SER A 182 -13.89 -11.51 13.38
C SER A 182 -12.56 -11.38 14.16
N ILE A 183 -11.67 -12.36 13.99
CA ILE A 183 -10.34 -12.35 14.65
C ILE A 183 -9.42 -11.34 13.99
N LYS A 184 -9.44 -11.33 12.66
CA LYS A 184 -8.63 -10.43 11.85
C LYS A 184 -8.88 -8.98 12.29
N ARG A 185 -10.15 -8.66 12.56
CA ARG A 185 -10.55 -7.35 13.07
C ARG A 185 -9.62 -6.80 14.13
N PHE A 186 -9.21 -7.66 15.08
CA PHE A 186 -8.38 -7.21 16.21
C PHE A 186 -6.93 -7.65 16.12
N ILE A 187 -6.68 -8.76 15.42
CA ILE A 187 -5.33 -9.31 15.34
C ILE A 187 -4.39 -8.48 14.47
N ARG A 188 -4.93 -7.83 13.45
CA ARG A 188 -4.11 -6.89 12.68
C ARG A 188 -3.64 -5.65 13.51
N PRO A 189 -4.57 -4.94 14.20
CA PRO A 189 -4.09 -3.87 15.12
C PRO A 189 -3.13 -4.36 16.24
N GLN A 190 -3.29 -5.62 16.65
CA GLN A 190 -2.43 -6.22 17.70
C GLN A 190 -0.97 -6.21 17.29
N GLN A 191 -0.72 -6.55 16.03
CA GLN A 191 0.61 -6.56 15.48
C GLN A 191 1.26 -5.15 15.52
N TYR A 192 0.47 -4.12 15.15
CA TYR A 192 0.95 -2.71 15.22
C TYR A 192 1.13 -2.22 16.64
N ALA A 193 0.25 -2.65 17.56
CA ALA A 193 0.41 -2.36 19.01
C ALA A 193 1.77 -2.85 19.51
N ILE A 194 2.08 -4.10 19.19
CA ILE A 194 3.38 -4.66 19.59
C ILE A 194 4.55 -4.00 18.89
N ARG A 195 4.43 -3.73 17.60
CA ARG A 195 5.43 -2.92 16.89
C ARG A 195 5.67 -1.57 17.59
N ASP A 196 4.59 -0.90 17.96
CA ASP A 196 4.69 0.44 18.59
C ASP A 196 5.30 0.37 20.01
N LEU A 197 4.91 -0.65 20.76
CA LEU A 197 5.53 -0.91 22.08
C LEU A 197 7.06 -1.00 21.94
N ILE A 198 7.52 -1.80 20.97
CA ILE A 198 8.97 -1.97 20.76
C ILE A 198 9.66 -0.67 20.37
N GLU A 199 9.04 0.08 19.47
CA GLU A 199 9.55 1.38 19.00
C GLU A 199 9.65 2.45 20.09
N SER A 200 8.86 2.32 21.15
CA SER A 200 8.84 3.30 22.24
C SER A 200 10.13 3.29 23.05
N GLU A 201 10.94 2.24 22.91
CA GLU A 201 12.16 2.06 23.70
C GLU A 201 11.91 2.06 25.21
N SER A 202 10.70 1.64 25.60
CA SER A 202 10.39 1.45 27.01
C SER A 202 11.48 0.61 27.69
N GLU A 203 11.83 1.00 28.91
CA GLU A 203 12.71 0.18 29.76
C GLU A 203 12.22 -1.28 29.87
N LEU A 204 10.92 -1.52 29.72
CA LEU A 204 10.38 -2.88 29.79
C LEU A 204 10.71 -3.68 28.53
N VAL A 205 11.05 -3.00 27.45
CA VAL A 205 11.40 -3.62 26.18
C VAL A 205 12.92 -3.66 25.94
N THR A 206 13.63 -2.59 26.32
CA THR A 206 15.06 -2.50 26.01
C THR A 206 15.89 -3.49 26.82
N SER A 207 15.31 -3.99 27.92
CA SER A 207 15.91 -5.03 28.74
C SER A 207 15.81 -6.41 28.06
N ARG A 208 14.89 -6.53 27.11
CA ARG A 208 14.66 -7.80 26.42
C ARG A 208 14.34 -7.64 24.93
N PRO A 209 15.27 -7.04 24.18
CA PRO A 209 15.03 -6.67 22.79
C PRO A 209 14.75 -7.89 21.92
N HIS A 210 15.52 -8.96 22.09
CA HIS A 210 15.40 -10.09 21.17
C HIS A 210 14.09 -10.78 21.42
N GLN A 211 13.73 -10.90 22.70
CA GLN A 211 12.49 -11.54 23.12
C GLN A 211 11.26 -10.79 22.58
N TYR A 212 11.26 -9.48 22.63
CA TYR A 212 10.14 -8.75 22.07
C TYR A 212 10.10 -8.84 20.54
N ARG A 213 11.23 -8.91 19.87
CA ARG A 213 11.19 -9.12 18.42
C ARG A 213 10.64 -10.51 18.05
N PHE A 214 10.96 -11.53 18.86
CA PHE A 214 10.29 -12.85 18.68
C PHE A 214 8.76 -12.74 18.83
N ALA A 215 8.28 -12.03 19.84
CA ALA A 215 6.83 -11.87 20.07
C ALA A 215 6.19 -11.17 18.89
N HIS A 216 6.87 -10.16 18.35
CA HIS A 216 6.40 -9.44 17.18
C HIS A 216 6.37 -10.35 15.95
N ASN A 217 7.36 -11.23 15.84
CA ASN A 217 7.42 -12.19 14.76
C ASN A 217 6.26 -13.20 14.85
N ASN A 218 5.91 -13.63 16.06
CA ASN A 218 4.78 -14.56 16.27
C ASN A 218 3.43 -13.93 15.90
N ILE A 219 3.24 -12.67 16.26
CA ILE A 219 1.99 -11.98 15.91
C ILE A 219 1.87 -11.73 14.39
N THR A 220 3.01 -11.40 13.77
CA THR A 220 3.06 -11.25 12.29
C THR A 220 2.67 -12.60 11.65
N ARG A 221 3.27 -13.69 12.14
CA ARG A 221 2.95 -15.04 11.65
C ARG A 221 1.46 -15.35 11.75
N ILE A 222 0.87 -15.09 12.91
CA ILE A 222 -0.55 -15.28 13.10
C ILE A 222 -1.39 -14.57 12.00
N ASN A 223 -1.07 -13.30 11.76
CA ASN A 223 -1.74 -12.54 10.73
C ASN A 223 -1.59 -13.18 9.36
N GLU A 224 -0.37 -13.62 9.05
CA GLU A 224 -0.10 -14.27 7.74
C GLU A 224 -0.87 -15.59 7.62
N THR A 225 -0.94 -16.32 8.73
CA THR A 225 -1.70 -17.55 8.75
C THR A 225 -3.20 -17.32 8.53
N ILE A 226 -3.74 -16.28 9.18
CA ILE A 226 -5.14 -15.90 8.98
C ILE A 226 -5.42 -15.59 7.51
N GLU A 227 -4.55 -14.82 6.85
CA GLU A 227 -4.74 -14.53 5.42
C GLU A 227 -4.71 -15.80 4.59
N PHE A 228 -3.83 -16.73 4.94
CA PHE A 228 -3.75 -18.00 4.19
C PHE A 228 -5.05 -18.79 4.32
N TYR A 229 -5.58 -18.84 5.55
CA TYR A 229 -6.82 -19.58 5.83
C TYR A 229 -8.03 -19.01 5.08
N LEU A 230 -8.12 -17.68 5.04
CA LEU A 230 -9.12 -16.98 4.25
C LEU A 230 -9.04 -17.31 2.74
N GLY A 231 -7.82 -17.37 2.23
CA GLY A 231 -7.55 -17.84 0.87
C GLY A 231 -7.98 -19.28 0.66
N GLU A 232 -7.78 -20.13 1.67
CA GLU A 232 -8.25 -21.52 1.61
C GLU A 232 -9.77 -21.61 1.57
N VAL A 233 -10.43 -20.86 2.46
CA VAL A 233 -11.89 -20.75 2.45
C VAL A 233 -12.39 -20.27 1.10
N ALA A 234 -11.79 -19.20 0.59
CA ALA A 234 -12.25 -18.62 -0.70
C ALA A 234 -12.15 -19.62 -1.84
N LEU A 235 -11.07 -20.37 -1.87
CA LEU A 235 -10.83 -21.46 -2.83
C LEU A 235 -11.87 -22.59 -2.73
N PHE A 236 -12.19 -23.01 -1.50
CA PHE A 236 -13.19 -24.07 -1.33
C PHE A 236 -14.57 -23.63 -1.81
N GLN A 237 -14.90 -22.35 -1.59
CA GLN A 237 -16.13 -21.76 -2.18
C GLN A 237 -16.16 -21.88 -3.69
N ASP A 238 -15.01 -21.60 -4.33
CA ASP A 238 -14.88 -21.72 -5.77
C ASP A 238 -15.00 -23.18 -6.18
N GLU A 239 -14.35 -24.06 -5.41
CA GLU A 239 -14.42 -25.50 -5.63
C GLU A 239 -15.87 -25.97 -5.69
N ILE A 240 -16.67 -25.62 -4.67
CA ILE A 240 -18.10 -25.95 -4.65
C ILE A 240 -18.82 -25.43 -5.90
N LYS A 241 -18.54 -24.18 -6.28
CA LYS A 241 -19.17 -23.56 -7.48
C LYS A 241 -18.79 -24.24 -8.79
N HIS A 242 -17.54 -24.70 -8.88
CA HIS A 242 -17.10 -25.45 -10.06
C HIS A 242 -17.72 -26.85 -10.09
N ASN A 243 -17.73 -27.52 -8.94
CA ASN A 243 -18.28 -28.86 -8.83
C ASN A 243 -19.78 -28.93 -9.16
N ARG A 244 -20.54 -27.98 -8.62
CA ARG A 244 -21.99 -27.92 -8.83
C ARG A 244 -22.36 -27.64 -10.29
N ASP A 245 -21.59 -26.76 -10.93
CA ASP A 245 -21.80 -26.43 -12.34
C ASP A 245 -21.29 -27.51 -13.31
N GLU A 246 -20.38 -28.36 -12.83
CA GLU A 246 -19.84 -29.49 -13.62
C GLU A 246 -20.61 -30.80 -13.42
N LYS A 247 -21.32 -30.95 -12.30
CA LYS A 247 -22.10 -32.17 -12.04
C LYS A 247 -23.60 -32.02 -12.36
N GLY B 5 23.08 -39.12 16.21
CA GLY B 5 22.72 -38.23 17.31
C GLY B 5 21.99 -37.05 16.67
N PHE B 6 22.08 -35.86 17.25
CA PHE B 6 21.42 -34.70 16.63
C PHE B 6 22.21 -34.15 15.46
N ILE B 8 23.96 -33.94 12.08
CA ILE B 8 23.91 -34.61 10.79
C ILE B 8 25.27 -34.63 10.13
N GLU B 9 25.93 -33.47 10.12
CA GLU B 9 27.17 -33.28 9.40
C GLU B 9 27.84 -32.01 9.93
N HIS B 10 29.16 -31.99 9.82
CA HIS B 10 29.99 -30.97 10.40
C HIS B 10 31.13 -30.64 9.43
N TRP B 11 31.23 -29.39 9.00
CA TRP B 11 32.26 -28.96 8.07
C TRP B 11 33.08 -27.83 8.67
N ASP B 12 34.36 -27.80 8.34
CA ASP B 12 35.33 -26.87 8.92
C ASP B 12 35.85 -25.97 7.80
N PHE B 13 35.52 -24.68 7.88
CA PHE B 13 35.90 -23.71 6.87
C PHE B 13 37.11 -22.86 7.30
N SER B 14 37.80 -23.32 8.35
CA SER B 14 38.98 -22.56 8.82
C SER B 14 40.23 -22.82 7.96
N THR B 15 40.07 -23.70 6.97
CA THR B 15 41.02 -23.87 5.87
C THR B 15 40.27 -23.52 4.58
N PRO B 16 40.99 -22.93 3.58
CA PRO B 16 40.33 -22.57 2.32
C PRO B 16 39.56 -23.73 1.65
N ALA B 18 37.32 -26.60 2.62
CA ALA B 18 36.56 -27.06 3.78
C ALA B 18 36.80 -28.54 4.04
N THR B 19 36.92 -28.91 5.30
CA THR B 19 37.07 -30.32 5.68
C THR B 19 35.92 -30.87 6.55
N GLN B 20 35.56 -32.12 6.30
CA GLN B 20 34.53 -32.78 7.09
C GLN B 20 35.09 -33.23 8.43
N GLU B 21 34.37 -32.87 9.50
CA GLU B 21 34.79 -33.20 10.86
C GLU B 21 33.77 -34.08 11.58
N THR B 22 34.10 -34.46 12.80
CA THR B 22 33.29 -35.40 13.58
C THR B 22 31.92 -34.83 13.96
N THR B 23 30.92 -35.70 13.95
CA THR B 23 29.57 -35.34 14.36
C THR B 23 29.42 -35.40 15.89
N THR B 24 30.48 -35.84 16.57
CA THR B 24 30.47 -35.82 18.03
C THR B 24 31.27 -34.62 18.59
N ALA B 25 31.40 -33.59 17.76
CA ALA B 25 31.98 -32.31 18.20
C ALA B 25 31.08 -31.74 19.28
N GLU B 26 31.64 -31.43 20.43
CA GLU B 26 30.83 -30.95 21.54
C GLU B 26 30.88 -29.43 21.70
N HIS B 27 31.93 -28.81 21.17
CA HIS B 27 32.08 -27.37 21.25
C HIS B 27 31.98 -26.67 19.88
N ILE B 28 31.25 -25.56 19.87
CA ILE B 28 31.07 -24.73 18.69
C ILE B 28 32.34 -23.92 18.44
N GLN B 29 32.84 -23.96 17.21
CA GLN B 29 34.04 -23.22 16.83
C GLN B 29 33.76 -22.25 15.69
N PRO B 30 34.41 -21.04 15.70
CA PRO B 30 34.22 -20.11 14.60
C PRO B 30 34.62 -20.71 13.23
N ASN B 31 33.89 -20.32 12.19
CA ASN B 31 34.11 -20.83 10.83
C ASN B 31 33.78 -22.31 10.65
N HIS B 32 33.03 -22.90 11.57
CA HIS B 32 32.49 -24.25 11.30
C HIS B 32 31.00 -24.18 10.99
N TRP B 33 30.53 -25.15 10.22
CA TRP B 33 29.10 -25.35 9.94
C TRP B 33 28.66 -26.66 10.55
N TYR B 34 27.62 -26.57 11.39
CA TYR B 34 27.01 -27.70 12.06
C TYR B 34 25.61 -27.84 11.50
N HIS B 35 25.32 -28.97 10.89
CA HIS B 35 23.98 -29.20 10.32
C HIS B 35 23.25 -30.22 11.20
N CYS B 36 22.08 -29.85 11.73
CA CYS B 36 21.47 -30.59 12.85
C CYS B 36 20.01 -30.91 12.68
N GLU B 37 19.59 -31.97 13.38
CA GLU B 37 18.17 -32.37 13.47
C GLU B 37 17.50 -31.52 14.55
N ARG B 38 16.52 -30.72 14.16
CA ARG B 38 15.85 -29.81 15.08
C ARG B 38 15.08 -30.55 16.18
N LEU B 39 14.47 -31.68 15.82
CA LEU B 39 13.61 -32.42 16.73
C LEU B 39 14.31 -33.43 17.64
N HIS B 40 15.63 -33.58 17.51
CA HIS B 40 16.34 -34.50 18.38
C HIS B 40 16.30 -33.96 19.82
N PRO B 41 16.07 -34.84 20.83
CA PRO B 41 16.05 -34.40 22.23
C PRO B 41 17.32 -33.70 22.72
N ASP B 42 18.48 -34.01 22.13
CA ASP B 42 19.77 -33.54 22.65
C ASP B 42 20.22 -32.18 22.10
N ILE B 43 19.51 -31.67 21.09
CA ILE B 43 19.94 -30.41 20.48
C ILE B 43 19.88 -29.20 21.44
N ARG B 44 18.82 -29.10 22.25
CA ARG B 44 18.73 -27.97 23.18
C ARG B 44 19.92 -27.94 24.13
N GLY B 45 20.25 -29.10 24.69
CA GLY B 45 21.33 -29.21 25.65
C GLY B 45 22.66 -28.76 25.08
N TRP B 46 22.94 -29.17 23.84
CA TRP B 46 24.16 -28.79 23.16
C TRP B 46 24.22 -27.29 22.88
N LEU B 47 23.10 -26.72 22.42
CA LEU B 47 23.01 -25.27 22.15
C LEU B 47 23.22 -24.46 23.43
N GLU B 48 22.55 -24.86 24.51
CA GLU B 48 22.66 -24.14 25.78
C GLU B 48 24.03 -24.26 26.43
N ASP B 49 24.62 -25.46 26.35
CA ASP B 49 25.97 -25.71 26.86
C ASP B 49 27.04 -24.89 26.16
N ASN B 50 26.77 -24.56 24.90
CA ASN B 50 27.62 -23.70 24.10
C ASN B 50 27.21 -22.24 24.18
N HIS B 51 26.46 -21.92 25.24
CA HIS B 51 26.06 -20.54 25.60
C HIS B 51 25.04 -19.81 24.72
N VAL B 52 24.31 -20.52 23.87
CA VAL B 52 23.20 -19.90 23.17
C VAL B 52 22.13 -19.65 24.24
N PRO B 53 21.63 -18.41 24.35
CA PRO B 53 20.58 -18.11 25.33
C PRO B 53 19.32 -18.97 25.19
N ARG B 54 18.79 -19.41 26.33
CA ARG B 54 17.60 -20.26 26.38
C ARG B 54 16.42 -19.72 25.57
N ALA B 55 16.20 -18.39 25.61
CA ALA B 55 15.08 -17.78 24.86
C ALA B 55 15.26 -17.79 23.34
N THR B 56 16.50 -17.63 22.86
CA THR B 56 16.73 -17.79 21.41
C THR B 56 16.63 -19.26 20.98
N VAL B 57 17.10 -20.17 21.82
CA VAL B 57 16.89 -21.61 21.56
C VAL B 57 15.39 -21.93 21.45
N ASP B 58 14.58 -21.33 22.34
CA ASP B 58 13.12 -21.50 22.32
C ASP B 58 12.52 -21.05 20.99
N HIS B 59 13.00 -19.94 20.42
CA HIS B 59 12.48 -19.50 19.11
C HIS B 59 12.99 -20.42 17.99
N LEU B 60 14.25 -20.83 18.10
CA LEU B 60 14.85 -21.71 17.10
C LEU B 60 14.12 -23.05 16.98
N LEU B 61 13.65 -23.58 18.12
CA LEU B 61 13.02 -24.90 18.21
C LEU B 61 11.50 -24.86 18.32
N ALA B 62 10.91 -23.67 18.19
CA ALA B 62 9.45 -23.50 18.27
C ALA B 62 8.73 -24.42 17.28
N ASP B 63 7.50 -24.85 17.60
CA ASP B 63 6.73 -25.65 16.64
C ASP B 63 6.45 -24.80 15.39
N GLU B 64 5.94 -23.60 15.62
CA GLU B 64 5.47 -22.74 14.54
C GLU B 64 6.53 -21.71 14.19
N SER B 65 6.64 -21.36 12.91
CA SER B 65 7.58 -20.33 12.48
C SER B 65 7.16 -19.70 11.15
N ARG B 66 7.78 -18.57 10.84
CA ARG B 66 7.70 -17.96 9.53
C ARG B 66 9.11 -17.56 9.09
N PRO B 67 9.37 -17.54 7.77
CA PRO B 67 10.66 -16.99 7.33
C PRO B 67 10.82 -15.58 7.88
N SER B 68 12.03 -15.31 8.38
CA SER B 68 12.32 -14.06 9.09
C SER B 68 13.80 -13.95 9.41
N PHE B 69 14.25 -12.73 9.66
CA PHE B 69 15.62 -12.43 10.07
C PHE B 69 15.59 -11.74 11.42
N HIS B 70 16.42 -12.24 12.33
CA HIS B 70 16.51 -11.69 13.69
C HIS B 70 17.94 -11.32 14.05
N PRO B 71 18.26 -10.02 14.12
CA PRO B 71 19.59 -9.66 14.64
C PRO B 71 19.69 -9.92 16.14
N LEU B 72 20.78 -10.54 16.55
CA LEU B 72 20.92 -10.91 17.94
C LEU B 72 22.16 -10.18 18.43
N ASP B 73 22.83 -10.67 19.45
CA ASP B 73 23.95 -9.90 19.98
C ASP B 73 25.15 -9.85 19.01
N ASP B 74 25.84 -8.72 18.98
CA ASP B 74 27.10 -8.59 18.25
C ASP B 74 26.91 -8.88 16.77
N ASP B 75 27.63 -9.86 16.26
CA ASP B 75 27.55 -10.26 14.87
C ASP B 75 26.54 -11.43 14.65
N ASN B 76 25.89 -11.86 15.71
CA ASN B 76 25.00 -13.04 15.70
C ASN B 76 23.65 -12.73 15.12
N PHE B 77 23.02 -13.73 14.51
CA PHE B 77 21.66 -13.58 13.99
C PHE B 77 20.98 -14.93 13.85
N LEU B 79 18.25 -16.71 11.13
CA LEU B 79 17.60 -16.57 9.86
C LEU B 79 16.75 -17.83 9.64
N ILE B 80 15.47 -17.63 9.37
CA ILE B 80 14.55 -18.74 9.12
C ILE B 80 14.02 -18.69 7.66
N LEU B 81 14.06 -19.84 6.98
CA LEU B 81 13.66 -19.95 5.57
C LEU B 81 12.81 -21.21 5.36
N ARG B 82 12.05 -21.21 4.27
CA ARG B 82 11.26 -22.36 3.86
C ARG B 82 11.75 -22.92 2.54
N GLY B 83 11.59 -24.23 2.38
CA GLY B 83 11.93 -24.88 1.12
C GLY B 83 10.88 -25.89 0.67
N ILE B 84 10.92 -26.25 -0.61
CA ILE B 84 10.05 -27.27 -1.18
C ILE B 84 10.29 -28.62 -0.49
N ASN B 85 9.21 -29.35 -0.21
CA ASN B 85 9.29 -30.62 0.50
C ASN B 85 9.38 -31.79 -0.51
N ASN B 87 10.22 -34.96 -0.10
CA ASN B 87 10.24 -36.22 0.61
C ASN B 87 8.98 -37.10 0.37
N GLU B 88 9.12 -38.40 0.54
CA GLU B 88 8.17 -39.35 -0.07
C GLU B 88 6.69 -39.34 0.35
N ASN B 89 6.40 -39.00 1.61
CA ASN B 89 5.00 -39.05 2.02
C ASN B 89 4.32 -37.67 2.13
N ALA B 90 5.04 -36.63 1.71
CA ALA B 90 4.56 -35.25 1.78
C ALA B 90 4.22 -34.67 0.41
N SER B 91 3.61 -33.49 0.39
CA SER B 91 3.43 -32.73 -0.83
C SER B 91 4.46 -31.62 -0.89
N PRO B 92 5.01 -31.37 -2.10
CA PRO B 92 6.08 -30.37 -2.26
C PRO B 92 5.70 -29.00 -1.70
N GLU B 93 4.43 -28.63 -1.80
CA GLU B 93 3.93 -27.35 -1.26
C GLU B 93 3.85 -27.27 0.27
N ASP B 94 3.99 -28.38 0.98
CA ASP B 94 4.05 -28.25 2.44
C ASP B 94 5.49 -28.07 2.86
N LEU B 96 9.13 -27.08 4.05
CA LEU B 96 9.88 -27.33 5.26
C LEU B 96 10.51 -26.04 5.76
N SER B 97 10.69 -25.90 7.07
CA SER B 97 11.38 -24.73 7.68
C SER B 97 12.83 -25.11 7.97
N ILE B 98 13.76 -24.27 7.53
CA ILE B 98 15.17 -24.40 7.87
C ILE B 98 15.56 -23.22 8.76
N ARG B 99 15.99 -23.52 9.97
CA ARG B 99 16.24 -22.45 10.93
C ARG B 99 17.72 -22.39 11.22
N ILE B 100 18.31 -21.23 11.00
CA ILE B 100 19.74 -21.11 10.97
C ILE B 100 20.18 -20.08 11.99
N LEU B 101 21.20 -20.43 12.76
CA LEU B 101 21.75 -19.51 13.70
C LEU B 101 23.19 -19.25 13.29
N TYR B 102 23.53 -17.97 13.16
CA TYR B 102 24.91 -17.55 13.04
C TYR B 102 25.36 -17.10 14.42
N PHE B 103 26.22 -17.87 15.05
CA PHE B 103 26.52 -17.66 16.46
C PHE B 103 28.02 -17.80 16.71
N GLN B 104 28.61 -16.74 17.28
CA GLN B 104 30.07 -16.66 17.56
C GLN B 104 30.92 -17.13 16.37
N GLY B 105 30.58 -16.66 15.18
CA GLY B 105 31.32 -16.98 13.98
C GLY B 105 31.01 -18.35 13.38
N ALA B 106 30.07 -19.11 13.95
CA ALA B 106 29.71 -20.43 13.39
C ALA B 106 28.31 -20.41 12.81
N LEU B 107 28.09 -21.24 11.79
CA LEU B 107 26.75 -21.40 11.22
C LEU B 107 26.16 -22.71 11.71
N ILE B 108 24.97 -22.63 12.28
CA ILE B 108 24.27 -23.80 12.78
C ILE B 108 22.94 -23.87 12.06
N SER B 109 22.78 -24.86 11.21
CA SER B 109 21.50 -25.04 10.52
C SER B 109 20.72 -26.22 11.12
N THR B 110 19.40 -26.09 11.18
CA THR B 110 18.54 -27.14 11.76
C THR B 110 17.42 -27.48 10.77
N ARG B 111 17.07 -28.76 10.72
CA ARG B 111 16.04 -29.24 9.78
C ARG B 111 15.09 -30.22 10.46
N LYS B 112 13.87 -30.34 9.94
CA LYS B 112 12.99 -31.42 10.37
C LYS B 112 13.08 -32.53 9.33
N ILE B 113 12.93 -32.13 8.07
CA ILE B 113 12.88 -33.07 6.97
C ILE B 113 13.88 -32.58 5.91
N PRO B 114 14.64 -33.50 5.27
CA PRO B 114 15.77 -33.12 4.45
C PRO B 114 15.44 -32.18 3.29
N SER B 115 16.42 -31.34 2.97
CA SER B 115 16.33 -30.35 1.90
C SER B 115 17.31 -30.75 0.79
N ARG B 116 16.80 -30.87 -0.44
CA ARG B 116 17.65 -31.15 -1.61
C ARG B 116 18.68 -30.07 -1.87
N ALA B 117 18.34 -28.79 -1.61
CA ALA B 117 19.28 -27.68 -1.71
C ALA B 117 20.49 -27.96 -0.83
N ILE B 118 20.23 -28.29 0.43
CA ILE B 118 21.30 -28.52 1.37
C ILE B 118 22.05 -29.82 1.06
N GLU B 120 22.61 -30.94 -1.93
CA GLU B 120 23.49 -30.65 -3.06
C GLU B 120 24.77 -29.91 -2.62
N ILE B 121 24.66 -29.06 -1.60
CA ILE B 121 25.83 -28.37 -1.04
C ILE B 121 26.75 -29.37 -0.38
N ARG B 122 26.18 -30.32 0.36
CA ARG B 122 26.95 -31.32 1.09
C ARG B 122 27.69 -32.24 0.11
N GLN B 123 27.03 -32.62 -0.99
CA GLN B 123 27.70 -33.34 -2.08
C GLN B 123 28.85 -32.56 -2.74
N ALA B 124 28.61 -31.28 -3.04
CA ALA B 124 29.68 -30.38 -3.53
C ALA B 124 30.91 -30.33 -2.60
N LEU B 125 30.68 -30.16 -1.30
CA LEU B 125 31.77 -30.16 -0.32
C LEU B 125 32.53 -31.49 -0.28
N ALA B 126 31.80 -32.60 -0.33
CA ALA B 126 32.42 -33.95 -0.40
C ALA B 126 33.30 -34.18 -1.64
N GLU B 127 32.97 -33.50 -2.74
CA GLU B 127 33.73 -33.57 -3.99
C GLU B 127 34.74 -32.43 -4.08
N HIS B 128 34.94 -31.75 -2.95
CA HIS B 128 35.90 -30.65 -2.82
C HIS B 128 35.67 -29.51 -3.81
N LYS B 129 34.40 -29.20 -4.05
CA LYS B 129 34.05 -28.07 -4.90
C LYS B 129 32.84 -27.26 -4.37
N GLY B 130 32.63 -27.32 -3.06
CA GLY B 130 31.58 -26.55 -2.43
C GLY B 130 31.96 -25.09 -2.17
N PRO B 131 31.17 -24.38 -1.36
CA PRO B 131 31.43 -22.99 -0.99
C PRO B 131 32.75 -22.88 -0.26
N LYS B 132 33.45 -21.77 -0.43
CA LYS B 132 34.80 -21.61 0.14
C LYS B 132 34.79 -20.87 1.47
N SER B 133 33.60 -20.47 1.93
CA SER B 133 33.49 -19.71 3.18
C SER B 133 32.09 -19.86 3.72
N LEU B 134 31.87 -19.47 4.98
CA LEU B 134 30.50 -19.43 5.55
C LEU B 134 29.62 -18.42 4.84
N ALA B 135 30.22 -17.29 4.43
CA ALA B 135 29.48 -16.29 3.66
C ALA B 135 28.89 -16.91 2.39
N SER B 136 29.74 -17.58 1.62
CA SER B 136 29.36 -18.27 0.40
C SER B 136 28.37 -19.40 0.70
N LEU B 137 28.63 -20.15 1.78
CA LEU B 137 27.73 -21.25 2.17
C LEU B 137 26.29 -20.79 2.39
N LEU B 138 26.10 -19.75 3.18
CA LEU B 138 24.76 -19.21 3.43
C LEU B 138 24.13 -18.68 2.12
N ASN B 139 24.95 -17.99 1.33
CA ASN B 139 24.52 -17.55 -0.02
C ASN B 139 23.99 -18.74 -0.83
N GLN B 140 24.71 -19.86 -0.83
CA GLN B 140 24.31 -21.07 -1.56
C GLN B 140 23.05 -21.73 -1.00
N ILE B 141 22.89 -21.71 0.33
CA ILE B 141 21.67 -22.23 0.94
C ILE B 141 20.46 -21.42 0.42
N ILE B 142 20.55 -20.09 0.48
CA ILE B 142 19.45 -19.24 0.00
C ILE B 142 19.13 -19.49 -1.50
N GLU B 143 20.16 -19.47 -2.36
CA GLU B 143 20.00 -19.63 -3.81
C GLU B 143 19.56 -21.05 -4.18
N GLY B 144 19.96 -22.03 -3.36
CA GLY B 144 19.61 -23.42 -3.58
C GLY B 144 18.13 -23.64 -3.36
N LEU B 145 17.63 -23.08 -2.26
CA LEU B 145 16.20 -23.09 -1.94
C LEU B 145 15.40 -22.40 -3.06
N ASN B 146 15.83 -21.20 -3.50
CA ASN B 146 15.26 -20.52 -4.71
C ASN B 146 15.16 -21.42 -5.92
N GLY B 147 16.27 -22.10 -6.22
CA GLY B 147 16.36 -22.99 -7.37
C GLY B 147 15.36 -24.12 -7.33
N LYS B 148 15.14 -24.67 -6.13
CA LYS B 148 14.20 -25.77 -5.97
C LYS B 148 12.75 -25.30 -6.07
N ILE B 149 12.49 -24.11 -5.53
CA ILE B 149 11.21 -23.42 -5.75
C ILE B 149 10.95 -23.16 -7.25
N ASP B 150 11.95 -22.62 -7.97
CA ASP B 150 11.87 -22.51 -9.44
C ASP B 150 11.49 -23.82 -10.14
N LEU B 151 12.17 -24.90 -9.76
CA LEU B 151 11.88 -26.20 -10.35
C LEU B 151 10.44 -26.61 -10.13
N TYR B 152 9.97 -26.44 -8.90
CA TYR B 152 8.60 -26.78 -8.59
C TYR B 152 7.57 -25.90 -9.34
N LEU B 153 7.86 -24.60 -9.42
CA LEU B 153 7.01 -23.66 -10.15
C LEU B 153 6.87 -24.00 -11.64
N ASP B 154 7.92 -24.57 -12.22
CA ASP B 154 7.90 -25.06 -13.60
C ASP B 154 6.84 -26.13 -13.80
N THR B 155 6.69 -26.98 -12.79
CA THR B 155 5.68 -28.03 -12.77
C THR B 155 4.26 -27.45 -12.79
N ILE B 156 4.05 -26.39 -12.01
CA ILE B 156 2.79 -25.64 -12.03
C ILE B 156 2.53 -24.97 -13.38
N GLU B 157 3.57 -24.34 -13.94
CA GLU B 157 3.50 -23.74 -15.28
C GLU B 157 2.99 -24.74 -16.34
N GLU B 158 3.52 -25.96 -16.31
CA GLU B 158 3.08 -27.04 -17.22
C GLU B 158 1.59 -27.33 -17.09
N THR B 159 1.09 -27.32 -15.86
CA THR B 159 -0.33 -27.55 -15.58
C THR B 159 -1.18 -26.43 -16.16
N LEU B 160 -0.80 -25.19 -15.89
CA LEU B 160 -1.45 -24.01 -16.47
C LEU B 160 -1.38 -23.99 -18.01
N ASN B 161 -0.24 -24.41 -18.58
CA ASN B 161 -0.11 -24.43 -20.06
C ASN B 161 -1.03 -25.44 -20.76
N GLU B 162 -1.49 -26.45 -20.04
CA GLU B 162 -2.43 -27.41 -20.64
C GLU B 162 -3.91 -27.02 -20.47
N PHE B 163 -4.19 -25.98 -19.68
CA PHE B 163 -5.55 -25.46 -19.54
C PHE B 163 -6.18 -25.34 -20.93
N ASP B 164 -7.26 -26.09 -21.17
CA ASP B 164 -8.05 -26.00 -22.42
C ASP B 164 -9.52 -26.02 -22.03
N VAL B 165 -10.21 -24.91 -22.29
CA VAL B 165 -11.59 -24.73 -21.85
C VAL B 165 -12.52 -25.77 -22.51
N ASN B 166 -12.13 -26.18 -23.72
CA ASN B 166 -12.85 -27.21 -24.46
C ASN B 166 -12.59 -28.64 -23.97
N ASP B 167 -11.66 -28.78 -23.03
CA ASP B 167 -11.30 -30.10 -22.51
C ASP B 167 -11.37 -30.17 -20.98
N GLU B 168 -12.47 -30.75 -20.50
CA GLU B 168 -12.75 -30.92 -19.06
C GLU B 168 -11.64 -31.57 -18.26
N SER B 169 -10.91 -32.49 -18.90
CA SER B 169 -9.88 -33.26 -18.21
C SER B 169 -8.68 -32.40 -17.84
N THR B 170 -8.62 -31.18 -18.37
CA THR B 170 -7.51 -30.24 -18.14
C THR B 170 -7.81 -29.24 -17.02
N TYR B 171 -8.95 -29.43 -16.36
CA TYR B 171 -9.48 -28.49 -15.38
C TYR B 171 -8.87 -28.75 -14.00
N ASN B 172 -7.55 -28.57 -13.93
CA ASN B 172 -6.80 -28.79 -12.69
C ASN B 172 -6.46 -27.46 -12.02
N HIS B 173 -7.31 -26.47 -12.25
CA HIS B 173 -7.08 -25.09 -11.82
C HIS B 173 -7.20 -24.90 -10.31
N ILE B 174 -8.05 -25.70 -9.68
CA ILE B 174 -8.24 -25.60 -8.24
C ILE B 174 -7.02 -26.16 -7.49
N ALA B 175 -6.52 -27.30 -7.95
CA ALA B 175 -5.26 -27.87 -7.44
C ALA B 175 -4.07 -26.90 -7.56
N ALA B 176 -3.96 -26.26 -8.72
CA ALA B 176 -2.91 -25.27 -8.99
C ALA B 176 -2.97 -24.11 -7.99
N GLN B 177 -4.15 -23.51 -7.84
CA GLN B 177 -4.40 -22.43 -6.90
C GLN B 177 -4.05 -22.77 -5.47
N LYS B 178 -4.49 -23.96 -5.02
CA LYS B 178 -4.16 -24.49 -3.67
C LYS B 178 -2.65 -24.48 -3.43
N ALA B 179 -1.91 -25.00 -4.40
CA ALA B 179 -0.45 -25.12 -4.33
C ALA B 179 0.22 -23.75 -4.28
N LEU B 180 -0.22 -22.85 -5.18
CA LEU B 180 0.30 -21.50 -5.31
C LEU B 180 0.11 -20.69 -4.04
N ILE B 181 -1.10 -20.72 -3.46
CA ILE B 181 -1.35 -19.97 -2.23
C ILE B 181 -0.60 -20.58 -1.03
N SER B 182 -0.43 -21.90 -1.02
CA SER B 182 0.40 -22.53 0.03
C SER B 182 1.87 -22.09 -0.05
N ILE B 183 2.44 -22.04 -1.25
CA ILE B 183 3.80 -21.49 -1.47
C ILE B 183 3.92 -19.99 -1.10
N LYS B 184 2.96 -19.19 -1.59
CA LYS B 184 2.94 -17.74 -1.36
C LYS B 184 2.98 -17.39 0.13
N ARG B 185 2.18 -18.10 0.92
CA ARG B 185 2.22 -18.00 2.39
C ARG B 185 3.63 -17.77 2.98
N PHE B 186 4.62 -18.52 2.46
CA PHE B 186 5.97 -18.49 2.98
C PHE B 186 6.96 -17.76 2.10
N ILE B 187 6.72 -17.72 0.78
CA ILE B 187 7.69 -17.14 -0.13
C ILE B 187 7.70 -15.60 -0.09
N ARG B 188 6.56 -15.01 0.23
CA ARG B 188 6.52 -13.56 0.49
C ARG B 188 7.35 -13.15 1.73
N PRO B 189 7.06 -13.74 2.92
CA PRO B 189 8.01 -13.43 4.01
C PRO B 189 9.49 -13.80 3.72
N GLN B 190 9.74 -14.83 2.90
CA GLN B 190 11.14 -15.19 2.52
C GLN B 190 11.85 -13.99 1.86
N GLN B 191 11.16 -13.31 0.96
CA GLN B 191 11.72 -12.13 0.30
C GLN B 191 12.11 -11.11 1.35
N TYR B 192 11.23 -10.89 2.34
CA TYR B 192 11.47 -9.84 3.33
C TYR B 192 12.61 -10.21 4.29
N ALA B 193 12.74 -11.50 4.58
CA ALA B 193 13.82 -12.04 5.43
C ALA B 193 15.17 -11.78 4.77
N ILE B 194 15.25 -12.04 3.47
CA ILE B 194 16.49 -11.83 2.71
C ILE B 194 16.82 -10.34 2.58
N ARG B 195 15.81 -9.50 2.32
CA ARG B 195 15.99 -8.05 2.39
C ARG B 195 16.57 -7.64 3.74
N ASP B 196 15.96 -8.10 4.83
CA ASP B 196 16.39 -7.69 6.18
C ASP B 196 17.83 -8.14 6.45
N LEU B 197 18.17 -9.33 6.00
CA LEU B 197 19.52 -9.90 6.17
C LEU B 197 20.53 -8.95 5.51
N ILE B 198 20.22 -8.56 4.28
CA ILE B 198 21.08 -7.62 3.54
C ILE B 198 21.21 -6.29 4.28
N GLU B 199 20.08 -5.77 4.75
CA GLU B 199 20.06 -4.46 5.42
C GLU B 199 20.76 -4.45 6.78
N SER B 200 20.93 -5.62 7.39
CA SER B 200 21.65 -5.73 8.66
C SER B 200 23.12 -5.38 8.52
N GLU B 201 23.63 -5.40 7.29
CA GLU B 201 25.06 -5.24 7.00
C GLU B 201 25.93 -6.30 7.69
N SER B 202 25.35 -7.49 7.85
CA SER B 202 26.07 -8.65 8.36
C SER B 202 27.40 -8.86 7.63
N GLU B 203 28.45 -9.19 8.38
CA GLU B 203 29.75 -9.53 7.78
C GLU B 203 29.64 -10.62 6.72
N LEU B 204 28.66 -11.51 6.84
CA LEU B 204 28.44 -12.52 5.80
C LEU B 204 27.97 -11.89 4.48
N VAL B 205 27.13 -10.87 4.60
CA VAL B 205 26.61 -10.14 3.44
C VAL B 205 27.64 -9.20 2.80
N THR B 206 28.32 -8.42 3.63
CA THR B 206 29.25 -7.42 3.14
C THR B 206 30.50 -8.03 2.50
N SER B 207 30.76 -9.33 2.72
CA SER B 207 31.83 -10.01 1.95
C SER B 207 31.39 -10.38 0.52
N ARG B 208 30.07 -10.44 0.30
CA ARG B 208 29.49 -10.89 -0.96
C ARG B 208 28.26 -10.07 -1.30
N PRO B 209 28.40 -8.73 -1.35
CA PRO B 209 27.24 -7.86 -1.47
C PRO B 209 26.42 -8.07 -2.75
N HIS B 210 27.09 -8.24 -3.89
CA HIS B 210 26.39 -8.31 -5.17
C HIS B 210 25.67 -9.64 -5.29
N GLN B 211 26.30 -10.69 -4.76
CA GLN B 211 25.75 -12.03 -4.81
C GLN B 211 24.49 -12.14 -3.94
N TYR B 212 24.49 -11.54 -2.76
CA TYR B 212 23.27 -11.58 -1.92
C TYR B 212 22.14 -10.75 -2.56
N ARG B 213 22.49 -9.60 -3.16
CA ARG B 213 21.56 -8.80 -3.98
C ARG B 213 20.93 -9.61 -5.11
N PHE B 214 21.75 -10.41 -5.81
CA PHE B 214 21.22 -11.32 -6.85
C PHE B 214 20.24 -12.35 -6.28
N ALA B 215 20.56 -12.94 -5.12
CA ALA B 215 19.65 -13.88 -4.43
C ALA B 215 18.31 -13.21 -4.10
N HIS B 216 18.37 -12.00 -3.60
CA HIS B 216 17.17 -11.22 -3.35
C HIS B 216 16.35 -10.92 -4.61
N ASN B 217 17.02 -10.62 -5.73
CA ASN B 217 16.35 -10.45 -7.02
C ASN B 217 15.60 -11.70 -7.44
N ASN B 218 16.22 -12.87 -7.20
CA ASN B 218 15.61 -14.15 -7.56
C ASN B 218 14.36 -14.50 -6.75
N ILE B 219 14.38 -14.24 -5.45
CA ILE B 219 13.19 -14.42 -4.60
C ILE B 219 12.05 -13.45 -4.99
N THR B 220 12.40 -12.22 -5.35
CA THR B 220 11.44 -11.23 -5.86
C THR B 220 10.82 -11.75 -7.15
N ARG B 221 11.63 -12.24 -8.07
CA ARG B 221 11.14 -12.82 -9.32
C ARG B 221 10.15 -13.95 -9.03
N ILE B 222 10.54 -14.83 -8.12
CA ILE B 222 9.69 -15.97 -7.75
C ILE B 222 8.30 -15.50 -7.29
N ASN B 223 8.26 -14.50 -6.42
CA ASN B 223 7.01 -13.94 -5.91
C ASN B 223 6.13 -13.35 -7.05
N GLU B 224 6.77 -12.64 -7.98
CA GLU B 224 6.08 -12.05 -9.13
C GLU B 224 5.58 -13.13 -10.06
N THR B 225 6.34 -14.21 -10.18
CA THR B 225 5.90 -15.37 -10.97
C THR B 225 4.65 -16.04 -10.38
N ILE B 226 4.65 -16.22 -9.06
CA ILE B 226 3.51 -16.78 -8.35
C ILE B 226 2.29 -15.89 -8.57
N GLU B 227 2.47 -14.58 -8.50
CA GLU B 227 1.35 -13.65 -8.75
C GLU B 227 0.77 -13.76 -10.15
N PHE B 228 1.65 -13.91 -11.15
CA PHE B 228 1.25 -14.07 -12.54
C PHE B 228 0.45 -15.39 -12.69
N TYR B 229 0.96 -16.48 -12.10
CA TYR B 229 0.28 -17.79 -12.20
C TYR B 229 -1.10 -17.79 -11.56
N LEU B 230 -1.22 -17.07 -10.44
CA LEU B 230 -2.50 -16.90 -9.73
C LEU B 230 -3.50 -16.12 -10.61
N GLY B 231 -2.98 -15.13 -11.34
CA GLY B 231 -3.72 -14.40 -12.37
C GLY B 231 -4.20 -15.28 -13.52
N GLU B 232 -3.31 -16.15 -14.00
CA GLU B 232 -3.65 -17.14 -15.02
C GLU B 232 -4.75 -18.08 -14.55
N VAL B 233 -4.64 -18.54 -13.31
CA VAL B 233 -5.69 -19.41 -12.74
C VAL B 233 -7.05 -18.71 -12.67
N ALA B 234 -7.06 -17.45 -12.23
CA ALA B 234 -8.29 -16.67 -12.19
C ALA B 234 -8.88 -16.46 -13.58
N LEU B 235 -8.00 -16.29 -14.57
CA LEU B 235 -8.41 -16.09 -15.96
C LEU B 235 -9.11 -17.32 -16.55
N PHE B 236 -8.56 -18.49 -16.26
CA PHE B 236 -9.12 -19.77 -16.73
C PHE B 236 -10.48 -20.06 -16.10
N GLN B 237 -10.62 -19.73 -14.82
CA GLN B 237 -11.88 -19.84 -14.09
C GLN B 237 -12.99 -18.99 -14.71
N ASP B 238 -12.66 -17.78 -15.16
CA ASP B 238 -13.59 -16.93 -15.92
C ASP B 238 -13.90 -17.50 -17.30
N GLU B 239 -12.87 -18.03 -17.96
CA GLU B 239 -13.01 -18.63 -19.27
C GLU B 239 -13.98 -19.83 -19.25
N ILE B 240 -13.88 -20.64 -18.19
CA ILE B 240 -14.80 -21.76 -17.95
C ILE B 240 -16.23 -21.28 -17.70
N LYS B 241 -16.38 -20.36 -16.74
CA LYS B 241 -17.68 -19.76 -16.44
C LYS B 241 -18.34 -19.12 -17.67
N HIS B 242 -17.57 -18.35 -18.44
CA HIS B 242 -18.10 -17.72 -19.65
C HIS B 242 -18.39 -18.71 -20.78
N ASN B 243 -17.78 -19.89 -20.71
CA ASN B 243 -18.10 -20.96 -21.64
C ASN B 243 -19.39 -21.69 -21.24
N ARG B 244 -19.57 -21.91 -19.93
CA ARG B 244 -20.76 -22.56 -19.37
C ARG B 244 -22.08 -21.91 -19.77
N ASP B 245 -22.08 -20.57 -19.85
CA ASP B 245 -23.29 -19.82 -20.22
C ASP B 245 -23.61 -19.91 -21.71
N GLU B 246 -22.58 -20.12 -22.51
CA GLU B 246 -22.75 -20.46 -23.93
C GLU B 246 -23.04 -21.95 -24.11
N LYS B 247 -22.43 -22.76 -23.26
CA LYS B 247 -22.47 -24.20 -23.33
C LYS B 247 -23.51 -24.79 -22.39
N GLY C 5 30.27 -15.67 -34.59
CA GLY C 5 30.75 -15.20 -33.25
C GLY C 5 29.65 -14.55 -32.42
N PHE C 6 29.85 -14.46 -31.10
CA PHE C 6 28.81 -13.95 -30.21
C PHE C 6 28.55 -12.46 -30.38
N ILE C 8 27.48 -9.39 -31.95
CA ILE C 8 26.62 -8.91 -33.02
C ILE C 8 27.06 -7.53 -33.52
N GLU C 9 27.41 -6.65 -32.59
CA GLU C 9 27.92 -5.35 -32.97
C GLU C 9 28.84 -4.74 -31.94
N HIS C 10 29.75 -3.91 -32.43
CA HIS C 10 30.73 -3.22 -31.62
C HIS C 10 30.90 -1.80 -32.16
N TRP C 11 30.67 -0.82 -31.28
CA TRP C 11 30.81 0.61 -31.63
C TRP C 11 31.65 1.35 -30.61
N ASP C 12 32.41 2.33 -31.07
CA ASP C 12 33.24 3.17 -30.20
C ASP C 12 32.59 4.54 -30.08
N PHE C 13 32.20 4.90 -28.85
CA PHE C 13 31.60 6.22 -28.61
C PHE C 13 32.58 7.24 -28.00
N SER C 14 33.87 7.10 -28.31
CA SER C 14 34.89 8.05 -27.83
C SER C 14 34.64 9.49 -28.32
N THR C 15 33.95 9.62 -29.46
CA THR C 15 33.49 10.91 -30.03
C THR C 15 31.98 10.86 -30.28
N PRO C 16 31.34 12.04 -30.55
CA PRO C 16 29.90 12.09 -30.90
C PRO C 16 29.52 11.37 -32.21
N ALA C 18 29.93 7.88 -33.53
CA ALA C 18 30.30 6.51 -33.22
C ALA C 18 30.89 5.81 -34.45
N THR C 19 31.96 5.06 -34.23
CA THR C 19 32.61 4.33 -35.31
C THR C 19 32.44 2.84 -35.05
N GLN C 20 32.18 2.10 -36.13
CA GLN C 20 32.01 0.66 -36.04
C GLN C 20 33.36 -0.02 -35.91
N GLU C 21 33.45 -1.00 -35.01
CA GLU C 21 34.72 -1.64 -34.68
C GLU C 21 34.62 -3.15 -34.83
N THR C 22 35.75 -3.84 -34.81
CA THR C 22 35.79 -5.28 -35.09
C THR C 22 34.88 -6.10 -34.17
N THR C 23 34.18 -7.09 -34.75
CA THR C 23 33.41 -8.04 -33.93
C THR C 23 34.30 -9.14 -33.36
N THR C 24 35.61 -9.01 -33.55
CA THR C 24 36.59 -9.92 -32.97
C THR C 24 37.37 -9.27 -31.81
N ALA C 25 36.78 -8.23 -31.20
CA ALA C 25 37.44 -7.48 -30.12
C ALA C 25 37.68 -8.38 -28.90
N GLU C 26 38.91 -8.43 -28.42
CA GLU C 26 39.22 -9.34 -27.32
C GLU C 26 39.03 -8.68 -25.95
N HIS C 27 39.21 -7.37 -25.90
CA HIS C 27 39.20 -6.62 -24.66
C HIS C 27 38.02 -5.69 -24.60
N ILE C 28 37.51 -5.45 -23.39
CA ILE C 28 36.44 -4.46 -23.18
C ILE C 28 37.11 -3.11 -22.98
N GLN C 29 36.68 -2.10 -23.74
CA GLN C 29 37.27 -0.76 -23.61
C GLN C 29 36.22 0.28 -23.19
N PRO C 30 36.63 1.29 -22.39
CA PRO C 30 35.71 2.35 -21.98
C PRO C 30 35.16 3.09 -23.19
N ASN C 31 33.89 3.49 -23.13
CA ASN C 31 33.22 4.28 -24.18
C ASN C 31 32.71 3.42 -25.35
N HIS C 32 33.01 2.11 -25.32
CA HIS C 32 32.56 1.14 -26.34
C HIS C 32 31.20 0.49 -25.99
N TRP C 33 30.42 0.19 -27.02
CA TRP C 33 29.23 -0.65 -26.89
C TRP C 33 29.45 -2.00 -27.60
N TYR C 34 29.20 -3.08 -26.86
CA TYR C 34 29.21 -4.45 -27.39
C TYR C 34 27.78 -5.03 -27.28
N HIS C 35 27.19 -5.35 -28.42
CA HIS C 35 25.88 -6.06 -28.44
C HIS C 35 26.10 -7.54 -28.75
N CYS C 36 25.67 -8.44 -27.86
CA CYS C 36 26.13 -9.82 -27.89
C CYS C 36 24.98 -10.82 -27.83
N GLU C 37 25.20 -11.99 -28.41
CA GLU C 37 24.26 -13.13 -28.33
C GLU C 37 24.42 -13.78 -26.98
N ARG C 38 23.36 -13.73 -26.19
CA ARG C 38 23.39 -14.21 -24.81
C ARG C 38 23.71 -15.71 -24.66
N LEU C 39 23.20 -16.52 -25.59
CA LEU C 39 23.32 -17.98 -25.52
C LEU C 39 24.51 -18.59 -26.24
N HIS C 40 25.35 -17.75 -26.86
CA HIS C 40 26.50 -18.25 -27.63
C HIS C 40 27.52 -18.89 -26.68
N PRO C 41 28.05 -20.09 -27.04
CA PRO C 41 29.04 -20.79 -26.20
C PRO C 41 30.23 -19.95 -25.74
N ASP C 42 30.64 -18.96 -26.53
CA ASP C 42 31.87 -18.22 -26.22
C ASP C 42 31.70 -16.98 -25.34
N ILE C 43 30.48 -16.49 -25.12
CA ILE C 43 30.32 -15.21 -24.37
C ILE C 43 30.77 -15.26 -22.88
N ARG C 44 30.52 -16.38 -22.19
CA ARG C 44 30.94 -16.48 -20.79
C ARG C 44 32.45 -16.30 -20.60
N GLY C 45 33.24 -16.98 -21.43
CA GLY C 45 34.72 -16.90 -21.36
C GLY C 45 35.23 -15.50 -21.64
N TRP C 46 34.68 -14.87 -22.67
CA TRP C 46 35.00 -13.47 -23.01
C TRP C 46 34.74 -12.51 -21.84
N LEU C 47 33.58 -12.64 -21.19
CA LEU C 47 33.24 -11.77 -20.05
C LEU C 47 34.18 -12.02 -18.86
N GLU C 48 34.40 -13.29 -18.56
CA GLU C 48 35.24 -13.69 -17.43
C GLU C 48 36.71 -13.38 -17.66
N ASP C 49 37.20 -13.64 -18.88
CA ASP C 49 38.55 -13.22 -19.32
C ASP C 49 38.73 -11.72 -19.08
N ASN C 50 37.68 -10.94 -19.32
CA ASN C 50 37.71 -9.50 -19.09
C ASN C 50 37.38 -9.08 -17.66
N HIS C 51 37.50 -10.02 -16.73
CA HIS C 51 37.34 -9.79 -15.28
C HIS C 51 35.93 -9.45 -14.77
N VAL C 52 34.89 -9.66 -15.57
CA VAL C 52 33.53 -9.59 -15.04
C VAL C 52 33.38 -10.73 -14.02
N PRO C 53 32.97 -10.43 -12.76
CA PRO C 53 32.93 -11.48 -11.74
C PRO C 53 31.98 -12.62 -12.11
N ARG C 54 32.34 -13.84 -11.72
CA ARG C 54 31.61 -15.04 -12.12
C ARG C 54 30.12 -14.95 -11.77
N ALA C 55 29.83 -14.49 -10.55
CA ALA C 55 28.45 -14.43 -10.06
C ALA C 55 27.62 -13.43 -10.85
N THR C 56 28.23 -12.31 -11.24
CA THR C 56 27.48 -11.33 -12.03
C THR C 56 27.29 -11.80 -13.47
N VAL C 57 28.29 -12.49 -14.03
CA VAL C 57 28.11 -13.19 -15.31
C VAL C 57 26.93 -14.18 -15.23
N ASP C 58 26.87 -14.95 -14.14
CA ASP C 58 25.81 -15.94 -13.92
C ASP C 58 24.42 -15.31 -13.91
N HIS C 59 24.27 -14.17 -13.24
CA HIS C 59 23.01 -13.44 -13.25
C HIS C 59 22.68 -12.88 -14.62
N LEU C 60 23.68 -12.30 -15.28
CA LEU C 60 23.46 -11.78 -16.64
C LEU C 60 23.01 -12.82 -17.66
N LEU C 61 23.51 -14.06 -17.54
CA LEU C 61 23.26 -15.10 -18.54
C LEU C 61 22.21 -16.12 -18.10
N ALA C 62 21.61 -15.91 -16.93
CA ALA C 62 20.68 -16.89 -16.32
C ALA C 62 19.47 -17.11 -17.22
N ASP C 63 18.88 -18.31 -17.15
CA ASP C 63 17.66 -18.59 -17.91
CA ASP C 63 17.66 -18.61 -17.89
C ASP C 63 16.56 -17.64 -17.47
N GLU C 64 16.28 -17.61 -16.16
CA GLU C 64 15.22 -16.80 -15.56
C GLU C 64 15.67 -15.40 -15.21
N SER C 65 14.80 -14.42 -15.42
CA SER C 65 15.12 -13.03 -15.08
C SER C 65 13.86 -12.18 -14.93
N ARG C 66 14.04 -11.05 -14.27
CA ARG C 66 13.03 -10.02 -14.20
C ARG C 66 13.73 -8.66 -14.42
N PRO C 67 13.01 -7.67 -15.00
CA PRO C 67 13.55 -6.32 -15.08
C PRO C 67 13.99 -5.82 -13.70
N SER C 68 15.19 -5.25 -13.65
CA SER C 68 15.79 -4.92 -12.38
C SER C 68 17.06 -4.11 -12.60
N PHE C 69 17.43 -3.33 -11.60
CA PHE C 69 18.69 -2.57 -11.62
C PHE C 69 19.54 -3.07 -10.46
N HIS C 70 20.83 -3.30 -10.71
CA HIS C 70 21.75 -3.85 -9.72
C HIS C 70 23.02 -2.97 -9.68
N PRO C 71 23.19 -2.17 -8.62
CA PRO C 71 24.45 -1.42 -8.52
C PRO C 71 25.63 -2.37 -8.22
N LEU C 72 26.75 -2.23 -8.93
CA LEU C 72 27.88 -3.12 -8.74
C LEU C 72 29.09 -2.32 -8.23
N ASP C 73 30.31 -2.80 -8.42
CA ASP C 73 31.50 -2.04 -7.96
C ASP C 73 31.71 -0.72 -8.71
N ASP C 74 32.21 0.31 -8.01
CA ASP C 74 32.68 1.57 -8.60
C ASP C 74 32.12 1.96 -9.98
N ASP C 75 30.97 2.62 -9.99
CA ASP C 75 30.29 3.08 -11.22
C ASP C 75 29.64 1.97 -12.09
N ASN C 76 29.97 0.69 -11.86
CA ASN C 76 29.41 -0.41 -12.66
C ASN C 76 27.96 -0.75 -12.26
N PHE C 77 27.18 -1.29 -13.19
CA PHE C 77 25.86 -1.78 -12.80
C PHE C 77 25.34 -2.76 -13.83
N LEU C 79 21.60 -3.66 -15.71
CA LEU C 79 20.20 -3.28 -15.94
C LEU C 79 19.57 -4.32 -16.83
N ILE C 80 18.43 -4.85 -16.40
CA ILE C 80 17.70 -5.85 -17.17
C ILE C 80 16.36 -5.25 -17.57
N LEU C 81 15.96 -5.42 -18.84
CA LEU C 81 14.70 -4.89 -19.34
C LEU C 81 13.96 -5.87 -20.26
N ARG C 82 12.64 -5.72 -20.36
CA ARG C 82 11.86 -6.52 -21.30
C ARG C 82 11.29 -5.69 -22.45
N GLY C 83 11.02 -6.35 -23.58
CA GLY C 83 10.40 -5.72 -24.74
C GLY C 83 9.40 -6.66 -25.41
N ILE C 84 8.59 -6.12 -26.32
CA ILE C 84 7.59 -6.92 -27.02
C ILE C 84 8.30 -7.81 -28.05
N ASN C 85 7.85 -9.05 -28.19
CA ASN C 85 8.41 -9.94 -29.19
C ASN C 85 7.75 -9.68 -30.54
N ASN C 87 8.99 -10.72 -33.51
CA ASN C 87 9.51 -11.63 -34.51
C ASN C 87 8.38 -12.39 -35.13
N GLU C 88 8.61 -12.85 -36.36
CA GLU C 88 7.56 -13.54 -37.10
C GLU C 88 7.22 -14.87 -36.42
N ASN C 89 5.94 -15.21 -36.41
CA ASN C 89 5.42 -16.43 -35.76
C ASN C 89 5.73 -16.51 -34.26
N ALA C 90 5.77 -15.35 -33.61
CA ALA C 90 6.02 -15.30 -32.17
C ALA C 90 4.79 -14.75 -31.45
N SER C 91 4.64 -15.11 -30.17
CA SER C 91 3.63 -14.47 -29.34
C SER C 91 4.24 -13.18 -28.78
N PRO C 92 3.63 -12.02 -29.09
CA PRO C 92 4.18 -10.71 -28.72
C PRO C 92 4.34 -10.54 -27.21
N GLU C 93 3.40 -11.12 -26.45
CA GLU C 93 3.42 -11.07 -25.00
C GLU C 93 4.43 -12.04 -24.36
N ASP C 94 5.03 -12.90 -25.17
CA ASP C 94 6.18 -13.69 -24.75
C ASP C 94 7.40 -12.78 -24.85
N LEU C 96 10.68 -10.47 -24.82
CA LEU C 96 12.12 -10.61 -24.86
C LEU C 96 12.77 -9.92 -23.63
N SER C 97 13.95 -10.41 -23.23
CA SER C 97 14.77 -9.81 -22.18
C SER C 97 16.11 -9.28 -22.73
N ILE C 98 16.43 -8.03 -22.44
CA ILE C 98 17.72 -7.45 -22.78
C ILE C 98 18.49 -7.23 -21.47
N ARG C 99 19.70 -7.81 -21.36
CA ARG C 99 20.47 -7.74 -20.12
C ARG C 99 21.73 -6.95 -20.39
N ILE C 100 21.87 -5.87 -19.65
CA ILE C 100 22.89 -4.86 -19.95
C ILE C 100 23.82 -4.76 -18.78
N LEU C 101 25.11 -4.67 -19.08
CA LEU C 101 26.13 -4.44 -18.06
C LEU C 101 26.87 -3.16 -18.41
N TYR C 102 27.00 -2.27 -17.42
CA TYR C 102 27.87 -1.13 -17.57
C TYR C 102 29.10 -1.47 -16.74
N PHE C 103 30.22 -1.69 -17.41
CA PHE C 103 31.37 -2.30 -16.74
C PHE C 103 32.62 -1.63 -17.26
N GLN C 104 33.42 -1.07 -16.35
CA GLN C 104 34.64 -0.33 -16.69
C GLN C 104 34.44 0.67 -17.84
N GLY C 105 33.32 1.39 -17.81
CA GLY C 105 33.05 2.45 -18.79
C GLY C 105 32.52 1.97 -20.13
N ALA C 106 32.29 0.67 -20.25
CA ALA C 106 31.70 0.08 -21.47
C ALA C 106 30.27 -0.40 -21.22
N LEU C 107 29.47 -0.35 -22.28
CA LEU C 107 28.14 -0.91 -22.22
C LEU C 107 28.13 -2.22 -23.00
N ILE C 108 27.72 -3.27 -22.31
CA ILE C 108 27.62 -4.60 -22.91
C ILE C 108 26.18 -5.00 -22.79
N SER C 109 25.54 -5.20 -23.94
CA SER C 109 24.15 -5.66 -23.96
C SER C 109 24.08 -7.06 -24.53
N THR C 110 23.13 -7.85 -24.02
CA THR C 110 22.97 -9.25 -24.41
C THR C 110 21.52 -9.51 -24.80
N ARG C 111 21.32 -10.35 -25.81
CA ARG C 111 20.01 -10.60 -26.35
C ARG C 111 19.86 -12.06 -26.74
N LYS C 112 18.61 -12.53 -26.78
CA LYS C 112 18.32 -13.85 -27.34
C LYS C 112 17.22 -13.66 -28.39
N ILE C 113 16.06 -13.24 -27.92
CA ILE C 113 14.95 -12.89 -28.83
C ILE C 113 15.29 -11.49 -29.34
N PRO C 114 15.44 -11.32 -30.68
CA PRO C 114 15.81 -9.99 -31.22
C PRO C 114 14.78 -8.88 -30.95
N SER C 115 15.31 -7.68 -30.69
CA SER C 115 14.55 -6.48 -30.35
C SER C 115 14.47 -5.58 -31.60
N ARG C 116 13.25 -5.23 -32.01
CA ARG C 116 13.06 -4.24 -33.08
C ARG C 116 13.62 -2.87 -32.70
N ALA C 117 13.44 -2.43 -31.45
CA ALA C 117 13.99 -1.13 -31.00
C ALA C 117 15.51 -1.09 -31.16
N ILE C 118 16.17 -2.18 -30.78
CA ILE C 118 17.61 -2.28 -30.92
C ILE C 118 18.06 -2.33 -32.40
N GLU C 120 16.60 -0.76 -34.79
CA GLU C 120 16.48 0.62 -35.25
C GLU C 120 17.69 1.46 -34.82
N ILE C 121 18.16 1.24 -33.60
CA ILE C 121 19.38 1.92 -33.12
C ILE C 121 20.59 1.50 -33.96
N ARG C 122 20.71 0.20 -34.23
CA ARG C 122 21.82 -0.32 -35.02
C ARG C 122 21.80 0.25 -36.43
N GLN C 123 20.61 0.36 -37.01
CA GLN C 123 20.44 0.92 -38.35
C GLN C 123 20.85 2.40 -38.39
N ALA C 124 20.42 3.16 -37.36
CA ALA C 124 20.81 4.57 -37.16
C ALA C 124 22.33 4.80 -37.02
N LEU C 125 22.99 3.94 -36.25
CA LEU C 125 24.46 3.97 -36.12
C LEU C 125 25.13 3.71 -37.47
N ALA C 126 24.61 2.75 -38.22
CA ALA C 126 25.14 2.42 -39.55
C ALA C 126 24.99 3.60 -40.52
N GLU C 127 23.97 4.43 -40.29
CA GLU C 127 23.68 5.58 -41.17
C GLU C 127 24.21 6.89 -40.62
N HIS C 128 25.02 6.78 -39.56
CA HIS C 128 25.72 7.91 -38.93
C HIS C 128 24.82 8.97 -38.29
N LYS C 129 23.66 8.51 -37.81
CA LYS C 129 22.73 9.36 -37.07
C LYS C 129 22.23 8.69 -35.79
N GLY C 130 23.10 7.88 -35.17
CA GLY C 130 22.76 7.20 -33.93
C GLY C 130 23.06 8.04 -32.70
N PRO C 131 22.92 7.45 -31.50
CA PRO C 131 23.24 8.15 -30.24
C PRO C 131 24.68 8.67 -30.23
N LYS C 132 24.91 9.77 -29.52
CA LYS C 132 26.21 10.46 -29.54
C LYS C 132 27.13 10.05 -28.38
N SER C 133 26.61 9.20 -27.50
CA SER C 133 27.34 8.72 -26.33
C SER C 133 26.70 7.46 -25.75
N LEU C 134 27.40 6.82 -24.82
CA LEU C 134 26.83 5.67 -24.13
C LEU C 134 25.62 6.07 -23.27
N ALA C 135 25.67 7.25 -22.64
CA ALA C 135 24.52 7.76 -21.86
C ALA C 135 23.26 7.87 -22.75
N SER C 136 23.45 8.44 -23.94
CA SER C 136 22.36 8.62 -24.89
C SER C 136 21.90 7.28 -25.50
N LEU C 137 22.85 6.38 -25.76
CA LEU C 137 22.51 5.04 -26.25
C LEU C 137 21.60 4.29 -25.27
N LEU C 138 21.95 4.29 -24.00
CA LEU C 138 21.14 3.63 -22.99
C LEU C 138 19.73 4.24 -22.89
N ASN C 139 19.67 5.56 -22.92
CA ASN C 139 18.41 6.31 -23.00
C ASN C 139 17.53 5.84 -24.18
N GLN C 140 18.15 5.68 -25.35
CA GLN C 140 17.41 5.24 -26.53
C GLN C 140 16.97 3.76 -26.47
N ILE C 141 17.78 2.90 -25.85
CA ILE C 141 17.34 1.53 -25.63
C ILE C 141 16.07 1.53 -24.75
N ILE C 142 16.10 2.23 -23.62
CA ILE C 142 14.94 2.32 -22.71
C ILE C 142 13.68 2.88 -23.40
N GLU C 143 13.84 4.00 -24.09
CA GLU C 143 12.73 4.64 -24.77
C GLU C 143 12.23 3.85 -26.00
N GLY C 144 13.14 3.15 -26.68
CA GLY C 144 12.78 2.35 -27.85
C GLY C 144 11.89 1.20 -27.44
N LEU C 145 12.31 0.48 -26.39
CA LEU C 145 11.50 -0.57 -25.76
C LEU C 145 10.13 -0.09 -25.30
N ASN C 146 10.07 1.05 -24.61
CA ASN C 146 8.81 1.74 -24.26
C ASN C 146 7.92 1.96 -25.46
N GLY C 147 8.54 2.42 -26.54
CA GLY C 147 7.83 2.80 -27.73
C GLY C 147 7.15 1.59 -28.33
N LYS C 148 7.85 0.45 -28.31
CA LYS C 148 7.29 -0.75 -28.91
C LYS C 148 6.17 -1.33 -28.02
N ILE C 149 6.32 -1.19 -26.70
CA ILE C 149 5.23 -1.55 -25.78
C ILE C 149 3.96 -0.71 -26.07
N ASP C 150 4.13 0.60 -26.23
CA ASP C 150 3.03 1.47 -26.61
C ASP C 150 2.32 1.00 -27.87
N LEU C 151 3.09 0.58 -28.89
CA LEU C 151 2.50 0.11 -30.16
C LEU C 151 1.68 -1.16 -29.99
N TYR C 152 2.21 -2.10 -29.24
CA TYR C 152 1.48 -3.29 -28.90
C TYR C 152 0.20 -2.95 -28.12
N LEU C 153 0.30 -2.03 -27.15
CA LEU C 153 -0.88 -1.64 -26.35
C LEU C 153 -1.99 -1.03 -27.22
N ASP C 154 -1.59 -0.32 -28.27
CA ASP C 154 -2.55 0.20 -29.25
C ASP C 154 -3.40 -0.90 -29.92
N THR C 155 -2.81 -2.06 -30.19
CA THR C 155 -3.55 -3.19 -30.76
C THR C 155 -4.56 -3.78 -29.77
N ILE C 156 -4.20 -3.79 -28.48
CA ILE C 156 -5.13 -4.20 -27.43
C ILE C 156 -6.28 -3.20 -27.30
N GLU C 157 -5.95 -1.92 -27.30
CA GLU C 157 -6.96 -0.88 -27.26
C GLU C 157 -7.99 -1.02 -28.42
N GLU C 158 -7.52 -1.36 -29.61
CA GLU C 158 -8.38 -1.59 -30.78
C GLU C 158 -9.38 -2.73 -30.54
N THR C 159 -8.88 -3.83 -29.96
CA THR C 159 -9.69 -4.98 -29.58
C THR C 159 -10.73 -4.59 -28.54
N LEU C 160 -10.30 -3.80 -27.57
CA LEU C 160 -11.18 -3.30 -26.50
C LEU C 160 -12.27 -2.36 -27.03
N ASN C 161 -11.91 -1.45 -27.94
CA ASN C 161 -12.88 -0.56 -28.58
C ASN C 161 -13.88 -1.27 -29.50
N GLU C 162 -13.60 -2.52 -29.82
CA GLU C 162 -14.50 -3.34 -30.63
C GLU C 162 -15.56 -4.05 -29.78
N PHE C 163 -15.29 -4.23 -28.49
CA PHE C 163 -16.25 -4.85 -27.57
C PHE C 163 -17.65 -4.26 -27.77
N ASP C 164 -18.57 -5.10 -28.25
CA ASP C 164 -19.97 -4.75 -28.42
C ASP C 164 -20.80 -5.87 -27.78
N VAL C 165 -21.50 -5.53 -26.70
CA VAL C 165 -22.24 -6.50 -25.90
C VAL C 165 -23.31 -7.26 -26.70
N ASN C 166 -23.91 -6.57 -27.67
CA ASN C 166 -24.95 -7.15 -28.51
C ASN C 166 -24.39 -7.95 -29.68
N ASP C 167 -23.06 -8.00 -29.76
CA ASP C 167 -22.35 -8.70 -30.82
C ASP C 167 -21.34 -9.68 -30.21
N GLU C 168 -21.71 -10.96 -30.19
CA GLU C 168 -20.90 -12.04 -29.59
C GLU C 168 -19.59 -12.31 -30.31
N SER C 169 -19.47 -11.81 -31.55
CA SER C 169 -18.24 -11.95 -32.34
C SER C 169 -17.10 -11.06 -31.83
N THR C 170 -17.46 -10.09 -30.99
CA THR C 170 -16.50 -9.14 -30.44
C THR C 170 -16.07 -9.52 -29.02
N TYR C 171 -16.43 -10.73 -28.58
CA TYR C 171 -16.15 -11.20 -27.21
C TYR C 171 -14.73 -11.74 -27.08
N ASN C 172 -13.76 -10.86 -27.35
CA ASN C 172 -12.33 -11.19 -27.29
C ASN C 172 -11.69 -10.76 -25.96
N HIS C 173 -12.50 -10.51 -24.94
CA HIS C 173 -12.02 -10.05 -23.62
C HIS C 173 -11.05 -11.02 -22.94
N ILE C 174 -11.24 -12.33 -23.12
CA ILE C 174 -10.36 -13.30 -22.49
C ILE C 174 -8.95 -13.23 -23.08
N ALA C 175 -8.85 -13.19 -24.41
CA ALA C 175 -7.54 -13.06 -25.08
C ALA C 175 -6.80 -11.78 -24.66
N ALA C 176 -7.52 -10.65 -24.63
CA ALA C 176 -6.90 -9.37 -24.23
C ALA C 176 -6.41 -9.43 -22.79
N GLN C 177 -7.23 -9.98 -21.91
CA GLN C 177 -6.88 -10.11 -20.49
CA GLN C 177 -6.89 -10.13 -20.49
C GLN C 177 -5.62 -10.95 -20.32
N LYS C 178 -5.56 -12.07 -21.04
CA LYS C 178 -4.36 -12.93 -21.04
C LYS C 178 -3.13 -12.13 -21.46
N ALA C 179 -3.24 -11.41 -22.58
CA ALA C 179 -2.12 -10.59 -23.06
C ALA C 179 -1.68 -9.55 -22.02
N LEU C 180 -2.65 -8.86 -21.42
CA LEU C 180 -2.40 -7.79 -20.46
C LEU C 180 -1.69 -8.26 -19.17
N ILE C 181 -2.18 -9.36 -18.58
CA ILE C 181 -1.50 -9.89 -17.38
C ILE C 181 -0.07 -10.36 -17.68
N SER C 182 0.13 -10.95 -18.85
CA SER C 182 1.47 -11.39 -19.28
C SER C 182 2.48 -10.25 -19.39
N ILE C 183 2.04 -9.12 -19.91
CA ILE C 183 2.85 -7.90 -20.02
C ILE C 183 3.06 -7.26 -18.65
N LYS C 184 1.98 -7.20 -17.85
CA LYS C 184 2.02 -6.55 -16.56
C LYS C 184 3.09 -7.20 -15.67
N ARG C 185 3.19 -8.52 -15.75
CA ARG C 185 4.23 -9.30 -15.07
C ARG C 185 5.62 -8.64 -15.10
N PHE C 186 5.99 -8.08 -16.26
CA PHE C 186 7.33 -7.52 -16.47
C PHE C 186 7.38 -5.99 -16.52
N ILE C 187 6.29 -5.39 -16.96
CA ILE C 187 6.25 -3.94 -17.15
C ILE C 187 6.17 -3.20 -15.81
N ARG C 188 5.53 -3.81 -14.83
CA ARG C 188 5.57 -3.24 -13.49
C ARG C 188 7.01 -3.19 -12.89
N PRO C 189 7.74 -4.33 -12.87
CA PRO C 189 9.18 -4.31 -12.54
C PRO C 189 10.03 -3.38 -13.40
N GLN C 190 9.66 -3.19 -14.66
CA GLN C 190 10.39 -2.30 -15.55
C GLN C 190 10.40 -0.88 -14.99
N GLN C 191 9.23 -0.43 -14.52
CA GLN C 191 9.09 0.88 -13.92
C GLN C 191 10.06 1.06 -12.71
N TYR C 192 10.11 0.08 -11.81
CA TYR C 192 11.02 0.15 -10.66
C TYR C 192 12.49 0.09 -11.05
N ALA C 193 12.82 -0.67 -12.09
CA ALA C 193 14.19 -0.75 -12.61
C ALA C 193 14.66 0.63 -13.10
N ILE C 194 13.82 1.29 -13.90
CA ILE C 194 14.17 2.64 -14.39
C ILE C 194 14.23 3.66 -13.25
N ARG C 195 13.31 3.55 -12.29
CA ARG C 195 13.38 4.36 -11.06
C ARG C 195 14.74 4.16 -10.35
N ASP C 196 15.10 2.90 -10.12
CA ASP C 196 16.34 2.57 -9.39
C ASP C 196 17.58 3.07 -10.12
N LEU C 197 17.59 2.91 -11.45
CA LEU C 197 18.67 3.44 -12.27
C LEU C 197 18.90 4.93 -12.02
N ILE C 198 17.82 5.70 -12.08
CA ILE C 198 17.85 7.14 -11.86
C ILE C 198 18.37 7.49 -10.45
N GLU C 199 17.81 6.85 -9.45
CA GLU C 199 18.22 7.06 -8.05
C GLU C 199 19.67 6.66 -7.77
N SER C 200 20.27 5.89 -8.68
CA SER C 200 21.66 5.45 -8.54
C SER C 200 22.65 6.58 -8.73
N GLU C 201 22.23 7.62 -9.44
CA GLU C 201 23.08 8.78 -9.78
C GLU C 201 24.27 8.39 -10.64
N SER C 202 24.06 7.37 -11.48
CA SER C 202 25.02 6.97 -12.48
C SER C 202 25.37 8.17 -13.35
N GLU C 203 26.65 8.32 -13.65
CA GLU C 203 27.11 9.32 -14.63
C GLU C 203 26.28 9.29 -15.95
N LEU C 204 25.75 8.14 -16.33
CA LEU C 204 24.92 8.02 -17.53
C LEU C 204 23.56 8.72 -17.38
N VAL C 205 23.10 8.81 -16.14
CA VAL C 205 21.85 9.47 -15.80
C VAL C 205 22.06 10.94 -15.52
N THR C 206 23.07 11.25 -14.71
CA THR C 206 23.30 12.64 -14.30
C THR C 206 23.69 13.55 -15.46
N SER C 207 24.19 12.98 -16.56
CA SER C 207 24.46 13.75 -17.79
C SER C 207 23.20 14.03 -18.62
N ARG C 208 22.15 13.25 -18.37
CA ARG C 208 20.84 13.40 -19.06
C ARG C 208 19.68 13.35 -18.03
N PRO C 209 19.67 14.26 -17.02
CA PRO C 209 18.66 14.06 -15.95
C PRO C 209 17.19 14.18 -16.42
N HIS C 210 16.89 15.21 -17.19
CA HIS C 210 15.53 15.46 -17.67
C HIS C 210 15.05 14.33 -18.59
N GLN C 211 15.94 13.87 -19.48
CA GLN C 211 15.60 12.79 -20.42
C GLN C 211 15.27 11.45 -19.73
N TYR C 212 16.05 11.08 -18.71
CA TYR C 212 15.75 9.85 -17.99
C TYR C 212 14.44 9.98 -17.20
N ARG C 213 14.16 11.18 -16.68
CA ARG C 213 12.87 11.42 -16.02
C ARG C 213 11.66 11.29 -16.96
N PHE C 214 11.80 11.73 -18.22
CA PHE C 214 10.76 11.55 -19.25
C PHE C 214 10.54 10.06 -19.55
N ALA C 215 11.65 9.31 -19.61
CA ALA C 215 11.61 7.86 -19.82
C ALA C 215 10.85 7.17 -18.69
N HIS C 216 11.12 7.60 -17.46
CA HIS C 216 10.43 7.06 -16.31
C HIS C 216 8.94 7.39 -16.37
N ASN C 217 8.62 8.63 -16.76
CA ASN C 217 7.21 9.05 -16.96
C ASN C 217 6.46 8.18 -17.97
N ASN C 218 7.12 7.86 -19.08
CA ASN C 218 6.52 6.97 -20.09
C ASN C 218 6.25 5.56 -19.55
N ILE C 219 7.21 4.97 -18.86
CA ILE C 219 6.99 3.62 -18.29
C ILE C 219 5.88 3.64 -17.24
N THR C 220 5.77 4.73 -16.50
CA THR C 220 4.68 4.88 -15.51
C THR C 220 3.31 4.95 -16.21
N ARG C 221 3.25 5.74 -17.28
CA ARG C 221 2.04 5.84 -18.10
C ARG C 221 1.66 4.49 -18.66
N ILE C 222 2.64 3.76 -19.19
CA ILE C 222 2.39 2.42 -19.73
C ILE C 222 1.70 1.54 -18.67
N ASN C 223 2.22 1.56 -17.45
CA ASN C 223 1.64 0.79 -16.36
C ASN C 223 0.20 1.20 -16.02
N GLU C 224 -0.04 2.51 -15.98
CA GLU C 224 -1.38 3.05 -15.70
C GLU C 224 -2.36 2.70 -16.83
N THR C 225 -1.87 2.67 -18.06
CA THR C 225 -2.71 2.29 -19.22
C THR C 225 -3.09 0.82 -19.16
N ILE C 226 -2.14 -0.03 -18.81
CA ILE C 226 -2.43 -1.46 -18.60
C ILE C 226 -3.52 -1.68 -17.54
N GLU C 227 -3.39 -0.99 -16.41
CA GLU C 227 -4.42 -1.01 -15.35
C GLU C 227 -5.80 -0.56 -15.83
N PHE C 228 -5.84 0.51 -16.61
CA PHE C 228 -7.09 0.96 -17.18
C PHE C 228 -7.69 -0.08 -18.13
N TYR C 229 -6.85 -0.68 -19.00
CA TYR C 229 -7.33 -1.70 -19.94
C TYR C 229 -7.86 -2.93 -19.21
N LEU C 230 -7.19 -3.30 -18.11
CA LEU C 230 -7.69 -4.40 -17.28
C LEU C 230 -9.06 -4.07 -16.68
N GLY C 231 -9.24 -2.79 -16.29
CA GLY C 231 -10.54 -2.31 -15.81
C GLY C 231 -11.60 -2.40 -16.90
N GLU C 232 -11.22 -2.05 -18.13
CA GLU C 232 -12.17 -2.13 -19.25
C GLU C 232 -12.63 -3.57 -19.52
N VAL C 233 -11.69 -4.50 -19.43
CA VAL C 233 -12.00 -5.92 -19.61
C VAL C 233 -13.01 -6.40 -18.55
N ALA C 234 -12.74 -6.06 -17.29
CA ALA C 234 -13.61 -6.37 -16.16
C ALA C 234 -15.01 -5.80 -16.35
N LEU C 235 -15.09 -4.57 -16.83
CA LEU C 235 -16.36 -3.90 -17.08
C LEU C 235 -17.13 -4.64 -18.18
N PHE C 236 -16.44 -5.02 -19.25
CA PHE C 236 -17.09 -5.74 -20.34
C PHE C 236 -17.61 -7.10 -19.87
N GLN C 237 -16.87 -7.75 -18.98
CA GLN C 237 -17.30 -9.03 -18.39
C GLN C 237 -18.62 -8.93 -17.61
N ASP C 238 -18.76 -7.86 -16.82
CA ASP C 238 -20.02 -7.60 -16.12
C ASP C 238 -21.14 -7.20 -17.06
N GLU C 239 -20.80 -6.45 -18.11
CA GLU C 239 -21.76 -6.07 -19.14
C GLU C 239 -22.32 -7.31 -19.86
N ILE C 240 -21.50 -8.35 -19.97
CA ILE C 240 -21.95 -9.63 -20.53
C ILE C 240 -22.88 -10.36 -19.56
N LYS C 241 -22.51 -10.38 -18.27
CA LYS C 241 -23.38 -10.89 -17.20
C LYS C 241 -24.75 -10.18 -17.21
N HIS C 242 -24.72 -8.85 -17.30
CA HIS C 242 -25.93 -8.02 -17.32
C HIS C 242 -26.81 -8.21 -18.56
N ASN C 243 -26.17 -8.56 -19.68
CA ASN C 243 -26.89 -8.83 -20.92
C ASN C 243 -27.53 -10.22 -20.94
N ARG C 244 -26.91 -11.16 -20.22
CA ARG C 244 -27.44 -12.53 -20.11
C ARG C 244 -28.67 -12.65 -19.18
N ASP C 245 -29.02 -11.54 -18.53
CA ASP C 245 -30.20 -11.49 -17.66
C ASP C 245 -31.31 -10.56 -18.19
N GLU C 246 -30.91 -9.35 -18.57
CA GLU C 246 -31.84 -8.24 -18.92
C GLU C 246 -33.25 -8.35 -18.31
N GLY D 5 1.45 30.97 -36.69
CA GLY D 5 0.02 30.64 -36.58
C GLY D 5 -0.30 29.60 -35.51
N PHE D 6 0.73 29.10 -34.84
CA PHE D 6 0.54 28.19 -33.72
C PHE D 6 0.07 28.94 -32.45
N ILE D 8 -2.15 30.98 -30.13
CA ILE D 8 -3.58 31.29 -30.03
C ILE D 8 -3.75 32.64 -29.38
N GLU D 9 -3.02 32.86 -28.29
CA GLU D 9 -3.14 34.11 -27.56
C GLU D 9 -1.89 34.35 -26.74
N HIS D 10 -1.63 35.63 -26.46
CA HIS D 10 -0.43 36.07 -25.80
C HIS D 10 -0.78 37.21 -24.84
N TRP D 11 -0.48 37.02 -23.55
CA TRP D 11 -0.72 38.03 -22.53
C TRP D 11 0.55 38.40 -21.76
N ASP D 12 0.62 39.65 -21.32
CA ASP D 12 1.75 40.17 -20.57
C ASP D 12 1.29 40.40 -19.12
N PHE D 13 1.92 39.70 -18.17
CA PHE D 13 1.60 39.80 -16.74
C PHE D 13 2.65 40.60 -15.96
N SER D 14 3.36 41.48 -16.67
CA SER D 14 4.36 42.33 -16.03
C SER D 14 3.71 43.24 -15.01
N THR D 15 2.48 43.67 -15.30
CA THR D 15 1.67 44.44 -14.34
C THR D 15 0.43 43.64 -13.94
N PRO D 16 -0.29 44.08 -12.87
CA PRO D 16 -1.45 43.30 -12.45
C PRO D 16 -2.67 43.47 -13.36
N ALA D 18 -3.23 42.68 -16.89
CA ALA D 18 -2.63 41.98 -18.02
C ALA D 18 -3.07 42.56 -19.35
N THR D 19 -2.10 42.72 -20.25
CA THR D 19 -2.32 43.30 -21.57
C THR D 19 -2.16 42.26 -22.67
N GLN D 20 -3.04 42.30 -23.67
CA GLN D 20 -2.98 41.37 -24.81
C GLN D 20 -1.91 41.84 -25.81
N GLU D 21 -1.06 40.90 -26.20
CA GLU D 21 0.09 41.21 -27.04
C GLU D 21 0.02 40.45 -28.36
N THR D 22 0.90 40.81 -29.29
CA THR D 22 0.90 40.23 -30.63
C THR D 22 1.07 38.70 -30.65
N THR D 23 0.35 38.07 -31.57
CA THR D 23 0.40 36.63 -31.76
C THR D 23 1.67 36.23 -32.55
N THR D 24 2.46 37.22 -32.94
CA THR D 24 3.74 36.94 -33.60
C THR D 24 4.92 37.45 -32.77
N ALA D 25 5.13 36.81 -31.62
CA ALA D 25 6.23 37.12 -30.73
C ALA D 25 7.29 36.02 -30.80
N GLU D 26 8.37 36.29 -31.53
CA GLU D 26 9.38 35.28 -31.80
C GLU D 26 10.24 34.92 -30.58
N HIS D 27 10.38 35.86 -29.65
CA HIS D 27 11.19 35.64 -28.45
C HIS D 27 10.32 35.63 -27.19
N ILE D 28 10.52 34.64 -26.33
CA ILE D 28 9.73 34.57 -25.09
C ILE D 28 10.26 35.58 -24.06
N GLN D 29 9.33 36.21 -23.37
CA GLN D 29 9.69 37.20 -22.36
C GLN D 29 9.16 36.73 -21.01
N PRO D 30 9.95 36.93 -19.95
CA PRO D 30 9.48 36.72 -18.57
C PRO D 30 8.16 37.43 -18.28
N ASN D 31 7.31 36.75 -17.51
CA ASN D 31 6.00 37.26 -17.08
C ASN D 31 4.94 37.29 -18.17
N HIS D 32 5.24 36.64 -19.30
CA HIS D 32 4.29 36.55 -20.38
C HIS D 32 3.68 35.16 -20.41
N TRP D 33 2.43 35.09 -20.88
CA TRP D 33 1.76 33.83 -21.11
C TRP D 33 1.53 33.65 -22.60
N TYR D 34 1.94 32.49 -23.12
CA TYR D 34 1.76 32.13 -24.52
C TYR D 34 0.93 30.85 -24.54
N HIS D 35 -0.20 30.92 -25.23
CA HIS D 35 -1.09 29.76 -25.31
C HIS D 35 -1.18 29.31 -26.77
N CYS D 36 -0.86 28.04 -27.01
CA CYS D 36 -0.46 27.55 -28.31
C CYS D 36 -1.17 26.26 -28.75
N GLU D 37 -1.18 26.04 -30.07
CA GLU D 37 -1.70 24.82 -30.69
C GLU D 37 -0.55 23.80 -30.71
N ARG D 38 -0.73 22.72 -29.96
CA ARG D 38 0.28 21.68 -29.87
C ARG D 38 0.55 20.98 -31.20
N LEU D 39 -0.47 20.84 -32.05
CA LEU D 39 -0.34 20.13 -33.32
C LEU D 39 0.17 20.97 -34.49
N HIS D 40 0.35 22.27 -34.28
CA HIS D 40 0.82 23.14 -35.33
C HIS D 40 2.30 22.89 -35.65
N PRO D 41 2.65 22.69 -36.94
CA PRO D 41 4.05 22.31 -37.22
C PRO D 41 5.12 23.33 -36.78
N ASP D 42 4.74 24.59 -36.57
CA ASP D 42 5.72 25.64 -36.21
C ASP D 42 6.08 25.78 -34.74
N ILE D 43 5.34 25.09 -33.88
CA ILE D 43 5.60 25.21 -32.45
C ILE D 43 6.97 24.68 -32.05
N ARG D 44 7.36 23.51 -32.56
CA ARG D 44 8.69 22.96 -32.22
C ARG D 44 9.85 23.95 -32.48
N GLY D 45 9.86 24.51 -33.69
CA GLY D 45 10.89 25.46 -34.12
C GLY D 45 10.96 26.67 -33.21
N TRP D 46 9.80 27.21 -32.86
CA TRP D 46 9.73 28.37 -31.97
C TRP D 46 10.26 28.01 -30.58
N LEU D 47 9.87 26.84 -30.07
CA LEU D 47 10.35 26.41 -28.74
C LEU D 47 11.87 26.20 -28.77
N GLU D 48 12.36 25.52 -29.81
CA GLU D 48 13.80 25.24 -29.94
C GLU D 48 14.64 26.49 -30.18
N ASP D 49 14.17 27.39 -31.03
CA ASP D 49 14.80 28.71 -31.23
C ASP D 49 14.89 29.47 -29.92
N ASN D 50 13.93 29.25 -29.04
CA ASN D 50 13.94 29.90 -27.73
C ASN D 50 14.71 29.10 -26.67
N HIS D 51 15.48 28.11 -27.16
CA HIS D 51 16.40 27.30 -26.35
C HIS D 51 15.77 26.27 -25.41
N VAL D 52 14.53 25.87 -25.68
CA VAL D 52 13.95 24.73 -24.97
C VAL D 52 14.65 23.48 -25.51
N PRO D 53 15.25 22.66 -24.63
CA PRO D 53 15.96 21.49 -25.17
C PRO D 53 15.03 20.58 -25.99
N ARG D 54 15.56 19.96 -27.04
CA ARG D 54 14.80 19.08 -27.92
C ARG D 54 14.03 17.95 -27.22
N ALA D 55 14.66 17.26 -26.27
CA ALA D 55 13.98 16.16 -25.55
C ALA D 55 12.79 16.64 -24.72
N THR D 56 12.91 17.86 -24.19
CA THR D 56 11.81 18.52 -23.47
C THR D 56 10.67 18.79 -24.43
N VAL D 57 11.02 19.35 -25.59
CA VAL D 57 10.01 19.59 -26.63
C VAL D 57 9.36 18.25 -27.03
N ASP D 58 10.19 17.22 -27.20
CA ASP D 58 9.69 15.90 -27.57
C ASP D 58 8.60 15.44 -26.61
N HIS D 59 8.85 15.59 -25.32
CA HIS D 59 7.88 15.16 -24.32
C HIS D 59 6.66 16.06 -24.30
N LEU D 60 6.86 17.37 -24.45
CA LEU D 60 5.75 18.31 -24.45
C LEU D 60 4.75 18.01 -25.56
N LEU D 61 5.28 17.59 -26.72
CA LEU D 61 4.48 17.43 -27.94
C LEU D 61 4.11 16.00 -28.28
N ALA D 62 4.44 15.05 -27.41
CA ALA D 62 4.25 13.62 -27.68
C ALA D 62 2.77 13.23 -27.83
N ASP D 63 2.51 12.18 -28.59
CA ASP D 63 1.14 11.70 -28.83
C ASP D 63 0.49 11.35 -27.50
N GLU D 64 1.18 10.52 -26.72
CA GLU D 64 0.65 10.02 -25.45
C GLU D 64 1.21 10.79 -24.28
N SER D 65 0.40 10.97 -23.24
CA SER D 65 0.80 11.67 -22.04
C SER D 65 0.02 11.18 -20.82
N ARG D 66 0.56 11.52 -19.65
CA ARG D 66 -0.15 11.39 -18.40
C ARG D 66 0.05 12.70 -17.60
N PRO D 67 -0.95 13.09 -16.77
CA PRO D 67 -0.62 14.20 -15.88
C PRO D 67 0.62 13.92 -15.04
N SER D 68 1.45 14.96 -14.88
CA SER D 68 2.77 14.78 -14.33
C SER D 68 3.41 16.16 -14.14
N PHE D 69 4.34 16.21 -13.19
CA PHE D 69 5.18 17.38 -12.93
C PHE D 69 6.63 17.01 -13.17
N HIS D 70 7.35 17.85 -13.91
CA HIS D 70 8.76 17.61 -14.22
C HIS D 70 9.62 18.82 -13.84
N PRO D 71 10.44 18.69 -12.79
CA PRO D 71 11.35 19.80 -12.54
C PRO D 71 12.44 19.86 -13.62
N LEU D 72 12.65 21.03 -14.22
CA LEU D 72 13.68 21.15 -15.25
C LEU D 72 14.87 21.98 -14.73
N ASP D 73 15.59 22.68 -15.60
CA ASP D 73 16.71 23.54 -15.15
C ASP D 73 16.22 24.81 -14.43
N ASP D 74 17.00 25.35 -13.49
CA ASP D 74 16.85 26.78 -13.10
C ASP D 74 15.40 27.32 -13.04
N ASP D 75 14.62 26.89 -12.05
CA ASP D 75 13.24 27.37 -11.88
C ASP D 75 12.27 26.91 -12.99
N ASN D 76 12.78 26.28 -14.04
CA ASN D 76 11.88 25.80 -15.11
C ASN D 76 11.21 24.48 -14.74
N PHE D 77 10.02 24.26 -15.29
CA PHE D 77 9.34 22.98 -15.07
C PHE D 77 8.37 22.74 -16.20
N LEU D 79 4.48 20.95 -16.44
CA LEU D 79 3.29 20.38 -15.83
C LEU D 79 2.29 20.00 -16.90
N ILE D 80 1.82 18.76 -16.80
CA ILE D 80 0.79 18.20 -17.71
C ILE D 80 -0.44 17.87 -16.88
N LEU D 81 -1.60 18.35 -17.33
CA LEU D 81 -2.89 18.14 -16.66
C LEU D 81 -3.97 17.68 -17.65
N ARG D 82 -4.99 17.00 -17.14
CA ARG D 82 -6.14 16.58 -17.95
C ARG D 82 -7.39 17.38 -17.57
N GLY D 83 -8.33 17.50 -18.52
CA GLY D 83 -9.62 18.17 -18.27
C GLY D 83 -10.79 17.38 -18.87
N ILE D 84 -11.99 17.49 -18.33
CA ILE D 84 -13.10 16.77 -18.99
C ILE D 84 -13.41 17.46 -20.32
N ASN D 85 -13.93 16.70 -21.26
CA ASN D 85 -14.16 17.22 -22.61
C ASN D 85 -15.57 17.79 -22.75
N ASN D 87 -16.56 19.79 -25.33
CA ASN D 87 -16.79 20.18 -26.71
C ASN D 87 -18.07 19.56 -27.27
N GLU D 88 -18.68 20.20 -28.26
CA GLU D 88 -19.97 19.75 -28.74
C GLU D 88 -19.93 18.31 -29.27
N ASN D 89 -20.83 17.48 -28.77
CA ASN D 89 -20.93 16.07 -29.17
C ASN D 89 -19.73 15.18 -28.78
N ALA D 90 -18.81 15.69 -27.95
CA ALA D 90 -17.69 14.89 -27.48
C ALA D 90 -18.11 14.02 -26.30
N SER D 91 -17.36 12.94 -26.07
CA SER D 91 -17.48 12.19 -24.81
C SER D 91 -16.72 12.95 -23.73
N PRO D 92 -17.40 13.32 -22.64
CA PRO D 92 -16.78 13.98 -21.50
C PRO D 92 -15.50 13.26 -21.04
N GLU D 93 -15.54 11.93 -20.98
CA GLU D 93 -14.39 11.14 -20.49
C GLU D 93 -13.23 10.97 -21.50
N ASP D 94 -13.43 11.45 -22.73
CA ASP D 94 -12.37 11.59 -23.76
C ASP D 94 -11.58 12.87 -23.43
N LEU D 96 -9.22 15.95 -22.37
CA LEU D 96 -8.21 16.78 -23.01
C LEU D 96 -6.91 16.82 -22.17
N SER D 97 -5.78 17.02 -22.84
CA SER D 97 -4.49 17.17 -22.12
C SER D 97 -3.94 18.60 -22.33
N ILE D 98 -3.66 19.30 -21.25
CA ILE D 98 -3.03 20.62 -21.34
C ILE D 98 -1.60 20.47 -20.88
N ARG D 99 -0.64 20.87 -21.73
CA ARG D 99 0.76 20.69 -21.37
C ARG D 99 1.41 22.04 -21.26
N ILE D 100 2.02 22.28 -20.10
CA ILE D 100 2.47 23.61 -19.72
C ILE D 100 3.96 23.58 -19.45
N LEU D 101 4.67 24.54 -20.02
CA LEU D 101 6.05 24.85 -19.66
C LEU D 101 6.13 26.16 -18.90
N TYR D 102 6.80 26.14 -17.76
CA TYR D 102 7.27 27.38 -17.16
C TYR D 102 8.74 27.45 -17.53
N PHE D 103 9.08 28.41 -18.39
CA PHE D 103 10.40 28.46 -18.99
C PHE D 103 10.91 29.89 -19.04
N GLN D 104 12.04 30.14 -18.39
CA GLN D 104 12.65 31.49 -18.34
C GLN D 104 11.68 32.57 -17.84
N GLY D 105 10.79 32.19 -16.92
CA GLY D 105 9.88 33.14 -16.32
C GLY D 105 8.59 33.36 -17.09
N ALA D 106 8.42 32.59 -18.17
CA ALA D 106 7.22 32.66 -18.98
C ALA D 106 6.44 31.38 -18.80
N LEU D 107 5.12 31.50 -18.91
CA LEU D 107 4.24 30.34 -18.98
C LEU D 107 3.81 30.08 -20.43
N ILE D 108 4.08 28.86 -20.88
CA ILE D 108 3.67 28.43 -22.23
C ILE D 108 2.76 27.23 -22.06
N SER D 109 1.50 27.40 -22.43
CA SER D 109 0.57 26.29 -22.43
C SER D 109 0.25 25.87 -23.86
N THR D 110 -0.04 24.58 -24.01
CA THR D 110 -0.29 23.96 -25.31
C THR D 110 -1.56 23.14 -25.22
N ARG D 111 -2.38 23.23 -26.25
CA ARG D 111 -3.66 22.52 -26.26
C ARG D 111 -3.88 21.80 -27.59
N LYS D 112 -4.73 20.79 -27.57
CA LYS D 112 -5.24 20.22 -28.80
C LYS D 112 -6.76 20.27 -28.69
N ILE D 113 -7.33 19.51 -27.76
CA ILE D 113 -8.77 19.59 -27.48
C ILE D 113 -9.02 20.81 -26.59
N PRO D 114 -9.84 21.79 -27.05
CA PRO D 114 -10.04 23.03 -26.27
C PRO D 114 -10.61 22.84 -24.86
N SER D 115 -10.09 23.62 -23.93
CA SER D 115 -10.53 23.65 -22.54
C SER D 115 -11.54 24.77 -22.29
N ARG D 116 -12.73 24.42 -21.81
CA ARG D 116 -13.71 25.42 -21.38
C ARG D 116 -13.16 26.30 -20.26
N ALA D 117 -12.40 25.72 -19.34
CA ALA D 117 -11.77 26.48 -18.25
C ALA D 117 -10.84 27.56 -18.76
N ILE D 118 -9.96 27.19 -19.69
CA ILE D 118 -9.00 28.15 -20.26
C ILE D 118 -9.75 29.23 -21.06
N GLU D 120 -12.64 30.41 -20.42
CA GLU D 120 -13.21 31.31 -19.41
C GLU D 120 -12.18 32.27 -18.83
N ILE D 121 -10.96 31.78 -18.62
CA ILE D 121 -9.86 32.63 -18.16
C ILE D 121 -9.51 33.67 -19.22
N ARG D 122 -9.47 33.23 -20.48
CA ARG D 122 -9.22 34.13 -21.61
C ARG D 122 -10.30 35.19 -21.78
N GLN D 123 -11.57 34.82 -21.57
CA GLN D 123 -12.70 35.77 -21.57
C GLN D 123 -12.59 36.79 -20.44
N ALA D 124 -12.20 36.32 -19.26
CA ALA D 124 -11.95 37.20 -18.12
C ALA D 124 -10.84 38.20 -18.46
N LEU D 125 -9.74 37.73 -19.04
CA LEU D 125 -8.65 38.63 -19.42
C LEU D 125 -9.10 39.65 -20.47
N ALA D 126 -9.89 39.20 -21.44
CA ALA D 126 -10.47 40.07 -22.47
C ALA D 126 -11.45 41.08 -21.87
N GLU D 127 -12.06 40.71 -20.75
CA GLU D 127 -12.99 41.59 -20.03
C GLU D 127 -12.30 42.34 -18.90
N HIS D 128 -10.97 42.28 -18.88
CA HIS D 128 -10.12 43.01 -17.92
C HIS D 128 -10.41 42.69 -16.44
N LYS D 129 -10.68 41.42 -16.16
CA LYS D 129 -10.89 40.91 -14.81
C LYS D 129 -10.25 39.52 -14.64
N GLY D 130 -9.16 39.27 -15.37
CA GLY D 130 -8.48 37.98 -15.32
C GLY D 130 -7.51 37.91 -14.14
N PRO D 131 -6.72 36.82 -14.05
CA PRO D 131 -5.71 36.70 -13.00
C PRO D 131 -4.72 37.83 -13.11
N LYS D 132 -4.07 38.17 -12.01
CA LYS D 132 -3.21 39.34 -11.94
C LYS D 132 -1.71 39.02 -11.98
N SER D 133 -1.36 37.75 -12.12
CA SER D 133 0.05 37.33 -12.20
C SER D 133 0.11 35.96 -12.84
N LEU D 134 1.30 35.54 -13.24
CA LEU D 134 1.48 34.14 -13.72
C LEU D 134 1.19 33.11 -12.63
N ALA D 135 1.57 33.42 -11.39
CA ALA D 135 1.24 32.54 -10.24
C ALA D 135 -0.26 32.33 -10.13
N SER D 136 -1.04 33.40 -10.27
CA SER D 136 -2.50 33.32 -10.16
C SER D 136 -3.11 32.62 -11.37
N LEU D 137 -2.60 32.92 -12.56
CA LEU D 137 -3.03 32.24 -13.78
C LEU D 137 -2.87 30.71 -13.71
N LEU D 138 -1.69 30.24 -13.30
CA LEU D 138 -1.46 28.80 -13.13
C LEU D 138 -2.44 28.18 -12.11
N ASN D 139 -2.60 28.84 -10.95
CA ASN D 139 -3.61 28.44 -9.97
C ASN D 139 -5.02 28.36 -10.57
N GLN D 140 -5.39 29.35 -11.37
CA GLN D 140 -6.72 29.37 -11.99
C GLN D 140 -6.90 28.27 -13.02
N ILE D 141 -5.83 27.97 -13.76
CA ILE D 141 -5.88 26.84 -14.71
C ILE D 141 -6.15 25.52 -13.96
N ILE D 142 -5.42 25.29 -12.88
CA ILE D 142 -5.58 24.05 -12.12
C ILE D 142 -6.99 23.93 -11.53
N GLU D 143 -7.41 24.97 -10.82
CA GLU D 143 -8.71 25.01 -10.17
C GLU D 143 -9.86 25.04 -11.19
N GLY D 144 -9.62 25.66 -12.35
CA GLY D 144 -10.58 25.68 -13.46
C GLY D 144 -10.89 24.27 -13.99
N LEU D 145 -9.82 23.53 -14.31
CA LEU D 145 -9.93 22.13 -14.74
C LEU D 145 -10.67 21.29 -13.70
N ASN D 146 -10.29 21.44 -12.42
CA ASN D 146 -10.98 20.80 -11.28
C ASN D 146 -12.46 21.08 -11.23
N GLY D 147 -12.79 22.37 -11.35
CA GLY D 147 -14.16 22.85 -11.27
C GLY D 147 -15.02 22.19 -12.32
N LYS D 148 -14.48 22.06 -13.54
CA LYS D 148 -15.26 21.49 -14.64
C LYS D 148 -15.47 19.99 -14.42
N ILE D 149 -14.47 19.31 -13.87
CA ILE D 149 -14.60 17.91 -13.48
C ILE D 149 -15.68 17.74 -12.40
N ASP D 150 -15.65 18.58 -11.35
CA ASP D 150 -16.72 18.61 -10.34
C ASP D 150 -18.10 18.78 -10.95
N LEU D 151 -18.24 19.71 -11.90
CA LEU D 151 -19.54 19.97 -12.51
C LEU D 151 -20.05 18.72 -13.25
N TYR D 152 -19.14 18.10 -13.99
CA TYR D 152 -19.50 16.88 -14.69
C TYR D 152 -19.88 15.76 -13.71
N LEU D 153 -19.09 15.62 -12.64
CA LEU D 153 -19.36 14.58 -11.67
C LEU D 153 -20.70 14.74 -10.98
N ASP D 154 -21.15 15.99 -10.78
CA ASP D 154 -22.50 16.21 -10.29
C ASP D 154 -23.57 15.56 -11.17
N THR D 155 -23.35 15.53 -12.48
CA THR D 155 -24.28 14.88 -13.40
C THR D 155 -24.30 13.38 -13.21
N ILE D 156 -23.14 12.80 -12.91
CA ILE D 156 -23.08 11.38 -12.60
C ILE D 156 -23.80 11.07 -11.29
N GLU D 157 -23.58 11.92 -10.29
CA GLU D 157 -24.27 11.83 -9.02
C GLU D 157 -25.81 11.80 -9.18
N GLU D 158 -26.34 12.72 -9.99
CA GLU D 158 -27.79 12.73 -10.31
C GLU D 158 -28.23 11.39 -10.88
N THR D 159 -27.48 10.91 -11.86
CA THR D 159 -27.75 9.62 -12.51
C THR D 159 -27.80 8.46 -11.51
N LEU D 160 -26.85 8.46 -10.57
CA LEU D 160 -26.74 7.44 -9.52
C LEU D 160 -27.84 7.52 -8.47
N ASN D 161 -28.33 8.74 -8.19
CA ASN D 161 -29.36 8.91 -7.18
C ASN D 161 -30.74 8.46 -7.71
N GLU D 162 -30.93 8.58 -9.03
CA GLU D 162 -32.16 8.14 -9.70
C GLU D 162 -32.24 6.61 -9.87
N PHE D 163 -31.15 5.90 -9.58
CA PHE D 163 -31.16 4.45 -9.69
C PHE D 163 -32.19 3.80 -8.75
N ASP D 164 -33.05 2.96 -9.33
CA ASP D 164 -34.04 2.21 -8.57
C ASP D 164 -34.10 0.81 -9.17
N VAL D 165 -33.82 -0.20 -8.34
CA VAL D 165 -33.76 -1.60 -8.77
C VAL D 165 -35.08 -2.11 -9.40
N ASN D 166 -36.20 -1.51 -8.99
CA ASN D 166 -37.51 -1.89 -9.53
C ASN D 166 -37.88 -1.20 -10.83
N ASP D 167 -37.06 -0.26 -11.27
CA ASP D 167 -37.31 0.46 -12.51
C ASP D 167 -36.12 0.32 -13.46
N GLU D 168 -36.28 -0.55 -14.46
CA GLU D 168 -35.19 -0.91 -15.39
C GLU D 168 -34.75 0.25 -16.28
N SER D 169 -35.56 1.30 -16.34
CA SER D 169 -35.18 2.49 -17.10
C SER D 169 -34.09 3.31 -16.39
N THR D 170 -33.89 3.04 -15.09
CA THR D 170 -32.88 3.77 -14.29
C THR D 170 -31.50 3.07 -14.27
N TYR D 171 -31.38 1.99 -15.05
CA TYR D 171 -30.17 1.17 -15.09
C TYR D 171 -29.12 1.80 -16.01
N ASN D 172 -28.70 3.02 -15.68
CA ASN D 172 -27.67 3.73 -16.44
C ASN D 172 -26.30 3.64 -15.72
N HIS D 173 -26.16 2.63 -14.86
CA HIS D 173 -24.97 2.54 -13.99
C HIS D 173 -23.72 2.06 -14.72
N ILE D 174 -23.86 1.21 -15.74
CA ILE D 174 -22.69 0.74 -16.50
C ILE D 174 -22.09 1.86 -17.37
N ALA D 175 -22.96 2.69 -17.97
CA ALA D 175 -22.50 3.90 -18.65
C ALA D 175 -21.76 4.86 -17.68
N ALA D 176 -22.29 4.98 -16.47
CA ALA D 176 -21.65 5.77 -15.41
C ALA D 176 -20.30 5.16 -15.05
N GLN D 177 -20.28 3.84 -14.90
CA GLN D 177 -19.06 3.10 -14.60
C GLN D 177 -17.98 3.26 -15.66
N LYS D 178 -18.34 3.12 -16.95
CA LYS D 178 -17.43 3.42 -18.07
C LYS D 178 -16.79 4.79 -17.94
N ALA D 179 -17.61 5.81 -17.68
CA ALA D 179 -17.11 7.18 -17.57
C ALA D 179 -16.14 7.29 -16.40
N LEU D 180 -16.52 6.69 -15.27
CA LEU D 180 -15.79 6.85 -14.02
C LEU D 180 -14.38 6.24 -14.11
N ILE D 181 -14.25 5.04 -14.65
CA ILE D 181 -12.94 4.42 -14.81
C ILE D 181 -12.05 5.17 -15.79
N SER D 182 -12.66 5.79 -16.80
CA SER D 182 -11.89 6.50 -17.79
C SER D 182 -11.33 7.76 -17.20
N ILE D 183 -12.12 8.43 -16.36
CA ILE D 183 -11.69 9.64 -15.66
C ILE D 183 -10.67 9.30 -14.56
N LYS D 184 -10.93 8.23 -13.81
CA LYS D 184 -10.04 7.77 -12.72
C LYS D 184 -8.61 7.61 -13.23
N ARG D 185 -8.49 7.01 -14.42
CA ARG D 185 -7.22 6.77 -15.12
C ARG D 185 -6.27 7.97 -15.05
N PHE D 186 -6.83 9.18 -15.20
CA PHE D 186 -6.00 10.39 -15.24
C PHE D 186 -6.09 11.28 -14.01
N ILE D 187 -7.24 11.25 -13.35
CA ILE D 187 -7.51 12.05 -12.15
C ILE D 187 -6.58 11.68 -10.98
N ARG D 188 -6.24 10.40 -10.88
CA ARG D 188 -5.27 9.94 -9.88
C ARG D 188 -3.84 10.52 -10.09
N PRO D 189 -3.25 10.33 -11.29
CA PRO D 189 -1.99 11.04 -11.62
C PRO D 189 -2.07 12.56 -11.46
N GLN D 190 -3.24 13.15 -11.72
CA GLN D 190 -3.42 14.60 -11.53
C GLN D 190 -3.17 15.05 -10.09
N GLN D 191 -3.69 14.29 -9.15
CA GLN D 191 -3.48 14.58 -7.73
C GLN D 191 -2.00 14.59 -7.41
N TYR D 192 -1.25 13.58 -7.90
CA TYR D 192 0.22 13.52 -7.65
C TYR D 192 1.03 14.62 -8.34
N ALA D 193 0.63 14.97 -9.55
CA ALA D 193 1.29 16.04 -10.28
C ALA D 193 1.20 17.33 -9.47
N ILE D 194 0.03 17.60 -8.89
CA ILE D 194 -0.23 18.85 -8.15
C ILE D 194 0.56 18.80 -6.84
N ARG D 195 0.60 17.64 -6.20
CA ARG D 195 1.46 17.43 -5.03
C ARG D 195 2.93 17.73 -5.35
N ASP D 196 3.42 17.17 -6.46
CA ASP D 196 4.82 17.34 -6.90
C ASP D 196 5.10 18.80 -7.24
N LEU D 197 4.11 19.49 -7.83
CA LEU D 197 4.22 20.92 -8.12
C LEU D 197 4.47 21.72 -6.83
N ILE D 198 3.62 21.48 -5.83
CA ILE D 198 3.74 22.10 -4.50
C ILE D 198 5.08 21.78 -3.82
N GLU D 199 5.50 20.52 -3.90
CA GLU D 199 6.75 20.09 -3.24
C GLU D 199 8.05 20.61 -3.87
N SER D 200 7.98 20.99 -5.15
CA SER D 200 9.10 21.59 -5.87
C SER D 200 9.52 22.96 -5.30
N GLU D 201 8.66 23.57 -4.50
CA GLU D 201 8.83 24.92 -3.95
C GLU D 201 9.08 26.00 -5.03
N SER D 202 8.49 25.79 -6.21
CA SER D 202 8.46 26.78 -7.28
C SER D 202 8.00 28.16 -6.78
N GLU D 203 8.64 29.22 -7.30
CA GLU D 203 8.25 30.59 -6.99
C GLU D 203 6.76 30.86 -7.28
N LEU D 204 6.20 30.18 -8.27
CA LEU D 204 4.78 30.32 -8.60
C LEU D 204 3.85 29.76 -7.52
N VAL D 205 4.38 28.84 -6.70
CA VAL D 205 3.64 28.18 -5.64
C VAL D 205 3.85 28.86 -4.30
N THR D 206 5.11 29.17 -3.99
CA THR D 206 5.49 29.77 -2.71
C THR D 206 4.89 31.16 -2.55
N SER D 207 4.48 31.78 -3.65
CA SER D 207 3.82 33.07 -3.58
C SER D 207 2.32 32.94 -3.20
N ARG D 208 1.75 31.76 -3.41
CA ARG D 208 0.35 31.46 -3.12
C ARG D 208 0.21 30.09 -2.44
N PRO D 209 0.88 29.91 -1.30
CA PRO D 209 1.02 28.60 -0.68
C PRO D 209 -0.30 28.01 -0.21
N HIS D 210 -1.15 28.80 0.44
CA HIS D 210 -2.39 28.25 0.97
C HIS D 210 -3.37 27.93 -0.17
N GLN D 211 -3.35 28.78 -1.18
CA GLN D 211 -4.18 28.57 -2.37
C GLN D 211 -3.85 27.26 -3.08
N TYR D 212 -2.56 26.95 -3.24
CA TYR D 212 -2.19 25.71 -3.92
C TYR D 212 -2.56 24.47 -3.10
N ARG D 213 -2.45 24.57 -1.77
CA ARG D 213 -2.89 23.54 -0.83
C ARG D 213 -4.40 23.26 -0.96
N PHE D 214 -5.19 24.32 -1.11
CA PHE D 214 -6.63 24.18 -1.31
C PHE D 214 -6.94 23.46 -2.63
N ALA D 215 -6.20 23.82 -3.68
CA ALA D 215 -6.34 23.19 -5.01
C ALA D 215 -6.04 21.70 -4.92
N HIS D 216 -4.99 21.37 -4.18
CA HIS D 216 -4.62 19.98 -3.97
C HIS D 216 -5.65 19.17 -3.17
N ASN D 217 -6.20 19.79 -2.12
CA ASN D 217 -7.34 19.21 -1.39
C ASN D 217 -8.54 18.96 -2.32
N ASN D 218 -8.81 19.88 -3.23
CA ASN D 218 -9.90 19.69 -4.18
C ASN D 218 -9.69 18.48 -5.07
N ILE D 219 -8.50 18.32 -5.65
CA ILE D 219 -8.24 17.13 -6.50
C ILE D 219 -8.29 15.82 -5.71
N THR D 220 -7.81 15.86 -4.48
CA THR D 220 -7.90 14.73 -3.55
C THR D 220 -9.37 14.38 -3.31
N ARG D 221 -10.21 15.40 -3.06
CA ARG D 221 -11.64 15.17 -2.86
C ARG D 221 -12.26 14.54 -4.11
N ILE D 222 -11.91 15.05 -5.29
CA ILE D 222 -12.41 14.51 -6.57
C ILE D 222 -12.11 13.00 -6.69
N ASN D 223 -10.88 12.61 -6.39
CA ASN D 223 -10.47 11.22 -6.37
C ASN D 223 -11.33 10.33 -5.47
N GLU D 224 -11.54 10.79 -4.23
CA GLU D 224 -12.36 10.09 -3.23
C GLU D 224 -13.84 9.99 -3.65
N THR D 225 -14.35 11.05 -4.26
CA THR D 225 -15.72 11.05 -4.76
C THR D 225 -15.87 10.04 -5.88
N ILE D 226 -14.88 9.97 -6.78
CA ILE D 226 -14.93 8.96 -7.86
C ILE D 226 -14.92 7.54 -7.29
N GLU D 227 -14.05 7.30 -6.29
CA GLU D 227 -14.03 6.00 -5.60
C GLU D 227 -15.37 5.65 -4.98
N PHE D 228 -15.98 6.62 -4.29
CA PHE D 228 -17.33 6.43 -3.74
C PHE D 228 -18.37 6.11 -4.84
N TYR D 229 -18.39 6.89 -5.92
CA TYR D 229 -19.34 6.60 -7.02
C TYR D 229 -19.13 5.21 -7.62
N LEU D 230 -17.87 4.81 -7.80
CA LEU D 230 -17.58 3.45 -8.22
C LEU D 230 -18.13 2.42 -7.22
N GLY D 231 -17.94 2.68 -5.93
CA GLY D 231 -18.58 1.84 -4.89
C GLY D 231 -20.10 1.73 -5.01
N GLU D 232 -20.77 2.86 -5.25
CA GLU D 232 -22.23 2.89 -5.43
C GLU D 232 -22.67 2.07 -6.65
N VAL D 233 -21.96 2.23 -7.78
CA VAL D 233 -22.25 1.44 -8.99
C VAL D 233 -22.18 -0.07 -8.70
N ALA D 234 -21.09 -0.52 -8.07
CA ALA D 234 -20.93 -1.93 -7.67
C ALA D 234 -22.11 -2.44 -6.82
N LEU D 235 -22.53 -1.61 -5.87
CA LEU D 235 -23.67 -1.85 -4.98
C LEU D 235 -24.96 -2.05 -5.78
N PHE D 236 -25.22 -1.18 -6.76
CA PHE D 236 -26.41 -1.33 -7.61
C PHE D 236 -26.39 -2.63 -8.41
N GLN D 237 -25.22 -3.00 -8.93
CA GLN D 237 -25.06 -4.26 -9.64
C GLN D 237 -25.41 -5.49 -8.78
N ASP D 238 -24.89 -5.52 -7.55
CA ASP D 238 -25.24 -6.58 -6.61
C ASP D 238 -26.72 -6.57 -6.27
N GLU D 239 -27.29 -5.36 -6.17
CA GLU D 239 -28.72 -5.17 -5.91
C GLU D 239 -29.57 -5.82 -7.02
N ILE D 240 -29.13 -5.61 -8.27
CA ILE D 240 -29.76 -6.17 -9.47
C ILE D 240 -29.66 -7.71 -9.52
N LYS D 241 -28.42 -8.21 -9.35
CA LYS D 241 -28.16 -9.65 -9.21
C LYS D 241 -29.05 -10.28 -8.14
N HIS D 242 -29.14 -9.63 -6.98
CA HIS D 242 -29.91 -10.11 -5.85
C HIS D 242 -31.43 -10.00 -6.08
N ASN D 243 -31.84 -9.07 -6.94
CA ASN D 243 -33.26 -8.89 -7.29
C ASN D 243 -33.73 -9.84 -8.40
N ARG D 244 -32.78 -10.26 -9.25
CA ARG D 244 -33.06 -11.16 -10.37
C ARG D 244 -33.02 -12.65 -10.00
N ASP D 245 -32.30 -12.97 -8.93
CA ASP D 245 -32.11 -14.35 -8.50
C ASP D 245 -33.13 -14.82 -7.44
N GLU D 246 -34.12 -13.96 -7.18
CA GLU D 246 -35.20 -14.26 -6.24
C GLU D 246 -36.44 -14.80 -6.95
N LYS D 247 -36.40 -14.80 -8.28
CA LYS D 247 -37.55 -15.15 -9.11
C LYS D 247 -37.49 -16.60 -9.59
N ALA E 3 -32.09 33.48 15.31
CA ALA E 3 -33.01 33.18 14.18
C ALA E 3 -32.57 33.80 12.85
N GLY E 5 -29.71 35.95 12.17
CA GLY E 5 -28.30 36.30 11.95
C GLY E 5 -27.39 35.13 11.63
N PHE E 6 -26.18 35.42 11.15
CA PHE E 6 -25.21 34.36 10.86
C PHE E 6 -24.61 33.72 12.12
N ILE E 8 -24.58 31.98 15.49
CA ILE E 8 -25.44 31.16 16.35
C ILE E 8 -25.13 31.42 17.84
N GLU E 9 -23.87 31.26 18.20
CA GLU E 9 -23.45 31.45 19.59
C GLU E 9 -22.03 31.97 19.66
N HIS E 10 -21.73 32.64 20.78
CA HIS E 10 -20.43 33.23 21.01
C HIS E 10 -20.10 33.01 22.48
N TRP E 11 -18.95 32.38 22.73
CA TRP E 11 -18.49 32.07 24.08
C TRP E 11 -17.08 32.62 24.27
N ASP E 12 -16.81 33.08 25.48
CA ASP E 12 -15.50 33.58 25.85
C ASP E 12 -14.83 32.62 26.82
N PHE E 13 -13.69 32.05 26.40
CA PHE E 13 -12.88 31.12 27.20
C PHE E 13 -11.61 31.75 27.75
N SER E 14 -11.59 33.08 27.89
CA SER E 14 -10.47 33.74 28.56
C SER E 14 -10.25 33.17 29.98
N THR E 15 -11.35 32.94 30.69
CA THR E 15 -11.30 32.38 32.03
C THR E 15 -11.75 30.91 31.96
N PRO E 16 -11.39 30.10 32.97
CA PRO E 16 -11.81 28.68 33.03
C PRO E 16 -13.33 28.46 33.03
N ALA E 18 -16.33 29.57 31.04
CA ALA E 18 -16.71 30.26 29.80
C ALA E 18 -17.96 31.11 30.00
N THR E 19 -18.01 32.27 29.33
CA THR E 19 -19.20 33.12 29.43
C THR E 19 -19.78 33.41 28.05
N GLN E 20 -21.11 33.44 27.99
CA GLN E 20 -21.83 33.64 26.73
C GLN E 20 -21.80 35.12 26.41
N GLU E 21 -21.47 35.42 25.17
CA GLU E 21 -21.27 36.81 24.78
C GLU E 21 -22.17 37.16 23.60
N THR E 22 -22.14 38.43 23.20
CA THR E 22 -23.01 38.95 22.16
C THR E 22 -22.76 38.30 20.80
N THR E 23 -23.86 38.15 20.10
CA THR E 23 -23.90 37.48 18.84
C THR E 23 -23.79 38.55 17.71
N THR E 24 -23.59 39.81 18.11
CA THR E 24 -23.31 40.88 17.15
C THR E 24 -22.02 40.63 16.39
N ALA E 25 -22.08 40.85 15.06
CA ALA E 25 -20.94 40.74 14.16
C ALA E 25 -19.91 41.80 14.51
N GLU E 26 -18.94 41.42 15.35
CA GLU E 26 -17.93 42.37 15.82
C GLU E 26 -16.53 41.92 15.37
N HIS E 27 -15.50 42.42 16.05
CA HIS E 27 -14.13 41.98 15.79
C HIS E 27 -13.85 40.73 16.62
N ILE E 28 -13.25 39.71 16.02
CA ILE E 28 -12.93 38.49 16.76
C ILE E 28 -11.81 38.73 17.81
N GLN E 29 -11.84 37.93 18.87
CA GLN E 29 -10.91 38.06 19.98
C GLN E 29 -10.30 36.71 20.33
N PRO E 30 -9.01 36.71 20.71
CA PRO E 30 -8.36 35.48 21.11
C PRO E 30 -9.08 34.82 22.28
N ASN E 31 -9.15 33.48 22.27
CA ASN E 31 -9.84 32.70 23.32
C ASN E 31 -11.38 32.69 23.23
N HIS E 32 -11.94 33.27 22.18
CA HIS E 32 -13.37 33.23 21.95
C HIS E 32 -13.71 32.14 20.94
N TRP E 33 -14.91 31.59 21.10
CA TRP E 33 -15.50 30.66 20.15
C TRP E 33 -16.72 31.29 19.50
N TYR E 34 -16.76 31.27 18.17
CA TYR E 34 -17.85 31.79 17.37
C TYR E 34 -18.42 30.61 16.58
N HIS E 35 -19.67 30.25 16.84
CA HIS E 35 -20.32 29.18 16.08
C HIS E 35 -21.28 29.85 15.10
N CYS E 36 -21.14 29.56 13.81
CA CYS E 36 -21.81 30.32 12.73
C CYS E 36 -22.55 29.48 11.69
N GLU E 37 -23.55 30.11 11.06
CA GLU E 37 -24.25 29.56 9.90
C GLU E 37 -23.41 29.77 8.63
N ARG E 38 -22.95 28.67 8.04
CA ARG E 38 -22.08 28.76 6.88
C ARG E 38 -22.78 29.36 5.65
N LEU E 39 -24.10 29.17 5.53
CA LEU E 39 -24.85 29.60 4.35
C LEU E 39 -25.46 30.99 4.44
N HIS E 40 -25.24 31.68 5.54
CA HIS E 40 -25.82 33.00 5.72
C HIS E 40 -25.06 34.03 4.87
N PRO E 41 -25.80 34.88 4.12
CA PRO E 41 -25.22 35.93 3.27
C PRO E 41 -24.13 36.79 3.95
N ASP E 42 -24.24 36.96 5.26
CA ASP E 42 -23.38 37.90 6.01
C ASP E 42 -22.02 37.34 6.49
N ILE E 43 -21.84 36.01 6.46
CA ILE E 43 -20.64 35.42 7.07
C ILE E 43 -19.33 35.74 6.33
N ARG E 44 -19.35 35.68 5.00
CA ARG E 44 -18.17 36.02 4.23
C ARG E 44 -17.66 37.44 4.55
N GLY E 45 -18.58 38.41 4.65
CA GLY E 45 -18.20 39.79 4.92
C GLY E 45 -17.52 39.93 6.27
N TRP E 46 -18.11 39.29 7.27
CA TRP E 46 -17.56 39.27 8.62
C TRP E 46 -16.14 38.69 8.64
N LEU E 47 -15.96 37.55 7.99
CA LEU E 47 -14.64 36.87 7.95
C LEU E 47 -13.58 37.75 7.28
N GLU E 48 -13.93 38.34 6.14
CA GLU E 48 -13.03 39.24 5.43
C GLU E 48 -12.77 40.55 6.18
N ASP E 49 -13.81 41.12 6.78
CA ASP E 49 -13.64 42.30 7.64
C ASP E 49 -12.62 42.04 8.76
N ASN E 50 -12.59 40.78 9.20
CA ASN E 50 -11.69 40.31 10.25
C ASN E 50 -10.37 39.78 9.68
N HIS E 51 -10.15 40.08 8.40
CA HIS E 51 -8.87 39.85 7.71
C HIS E 51 -8.50 38.39 7.49
N VAL E 52 -9.51 37.51 7.43
CA VAL E 52 -9.26 36.15 6.96
C VAL E 52 -9.05 36.27 5.44
N PRO E 53 -7.95 35.70 4.92
CA PRO E 53 -7.73 35.83 3.47
C PRO E 53 -8.85 35.23 2.63
N ARG E 54 -9.12 35.90 1.51
CA ARG E 54 -10.17 35.57 0.56
C ARG E 54 -10.25 34.09 0.17
N ALA E 55 -9.10 33.50 -0.19
CA ALA E 55 -9.07 32.12 -0.66
C ALA E 55 -9.36 31.10 0.45
N THR E 56 -8.97 31.45 1.67
CA THR E 56 -9.27 30.68 2.89
C THR E 56 -10.77 30.74 3.16
N VAL E 57 -11.35 31.92 3.05
CA VAL E 57 -12.80 32.07 3.13
C VAL E 57 -13.49 31.22 2.02
N ASP E 58 -13.03 31.35 0.77
CA ASP E 58 -13.56 30.55 -0.36
C ASP E 58 -13.53 29.06 -0.01
N HIS E 59 -12.40 28.58 0.53
CA HIS E 59 -12.32 27.16 0.86
C HIS E 59 -13.27 26.80 1.98
N LEU E 60 -13.32 27.65 3.00
CA LEU E 60 -14.18 27.44 4.17
C LEU E 60 -15.67 27.36 3.82
N LEU E 61 -16.10 28.21 2.89
CA LEU E 61 -17.50 28.34 2.55
C LEU E 61 -17.88 27.60 1.26
N ALA E 62 -16.96 26.79 0.73
CA ALA E 62 -17.17 26.15 -0.59
C ALA E 62 -18.37 25.21 -0.55
N ASP E 63 -19.00 24.98 -1.70
CA ASP E 63 -20.07 23.97 -1.77
C ASP E 63 -19.56 22.58 -1.35
N GLU E 64 -18.46 22.14 -1.96
CA GLU E 64 -17.94 20.79 -1.73
C GLU E 64 -16.80 20.84 -0.73
N SER E 65 -16.57 19.73 -0.03
CA SER E 65 -15.47 19.64 0.93
C SER E 65 -15.15 18.18 1.24
N ARG E 66 -13.95 17.94 1.77
CA ARG E 66 -13.59 16.67 2.39
C ARG E 66 -12.95 16.94 3.78
N PRO E 67 -13.13 16.00 4.74
CA PRO E 67 -12.36 16.21 5.97
C PRO E 67 -10.86 16.37 5.71
N SER E 68 -10.26 17.34 6.38
CA SER E 68 -8.89 17.69 6.12
C SER E 68 -8.38 18.69 7.15
N PHE E 69 -7.07 18.78 7.20
CA PHE E 69 -6.39 19.73 8.06
C PHE E 69 -5.48 20.59 7.18
N HIS E 70 -5.48 21.89 7.43
CA HIS E 70 -4.77 22.86 6.60
C HIS E 70 -4.02 23.78 7.54
N PRO E 71 -2.70 23.62 7.65
CA PRO E 71 -1.95 24.62 8.42
C PRO E 71 -1.85 25.92 7.64
N LEU E 72 -2.19 27.04 8.29
CA LEU E 72 -2.16 28.37 7.62
C LEU E 72 -0.98 29.23 8.14
N ASP E 73 -1.12 30.56 8.11
CA ASP E 73 -0.02 31.42 8.63
C ASP E 73 0.09 31.39 10.16
N ASP E 74 1.26 31.73 10.69
CA ASP E 74 1.41 31.84 12.14
C ASP E 74 0.91 30.56 12.80
N ASP E 75 0.04 30.71 13.79
CA ASP E 75 -0.52 29.54 14.44
C ASP E 75 -1.91 29.13 13.94
N ASN E 76 -2.35 29.72 12.82
CA ASN E 76 -3.70 29.49 12.30
C ASN E 76 -3.80 28.18 11.55
N PHE E 77 -5.01 27.64 11.53
CA PHE E 77 -5.29 26.47 10.70
C PHE E 77 -6.75 26.37 10.37
N LEU E 79 -9.61 23.21 10.03
CA LEU E 79 -9.95 21.80 10.21
C LEU E 79 -11.38 21.54 9.77
N ILE E 80 -11.51 20.60 8.84
CA ILE E 80 -12.81 20.22 8.33
C ILE E 80 -13.12 18.80 8.75
N LEU E 81 -14.35 18.60 9.25
CA LEU E 81 -14.81 17.32 9.76
C LEU E 81 -16.24 17.02 9.33
N ARG E 82 -16.61 15.76 9.42
CA ARG E 82 -17.96 15.32 9.13
C ARG E 82 -18.57 14.63 10.34
N GLY E 83 -19.91 14.73 10.45
CA GLY E 83 -20.67 14.08 11.50
C GLY E 83 -21.97 13.49 10.96
N ILE E 84 -22.58 12.62 11.74
CA ILE E 84 -23.90 12.02 11.40
C ILE E 84 -24.97 13.12 11.23
N ASN E 85 -25.82 12.98 10.22
CA ASN E 85 -26.87 13.94 9.95
C ASN E 85 -28.12 13.46 10.70
N ASN E 87 -30.91 15.17 11.31
CA ASN E 87 -31.97 16.10 11.00
C ASN E 87 -33.04 15.48 10.09
N GLU E 88 -34.25 16.03 10.10
CA GLU E 88 -35.36 15.41 9.35
C GLU E 88 -35.20 15.69 7.85
N ASN E 89 -35.74 14.81 7.01
CA ASN E 89 -35.58 14.89 5.54
C ASN E 89 -34.15 14.66 5.04
N ALA E 90 -33.32 14.08 5.90
CA ALA E 90 -31.97 13.67 5.54
C ALA E 90 -31.78 12.27 6.05
N SER E 91 -30.78 11.56 5.51
CA SER E 91 -30.38 10.28 6.03
C SER E 91 -29.16 10.53 6.90
N PRO E 92 -29.00 9.75 7.99
CA PRO E 92 -27.83 9.90 8.87
C PRO E 92 -26.51 9.83 8.11
N GLU E 93 -26.46 8.98 7.08
CA GLU E 93 -25.24 8.73 6.30
C GLU E 93 -24.88 9.85 5.32
N ASP E 94 -25.81 10.78 5.08
CA ASP E 94 -25.52 12.01 4.34
C ASP E 94 -24.89 13.04 5.28
N LEU E 96 -22.94 15.61 7.66
CA LEU E 96 -22.75 17.06 7.70
C LEU E 96 -21.29 17.46 7.78
N SER E 97 -20.94 18.56 7.11
CA SER E 97 -19.60 19.11 7.19
C SER E 97 -19.54 20.25 8.22
N ILE E 98 -18.61 20.13 9.17
CA ILE E 98 -18.33 21.17 10.15
C ILE E 98 -16.94 21.75 9.80
N ARG E 99 -16.89 23.04 9.51
CA ARG E 99 -15.65 23.62 9.04
C ARG E 99 -15.17 24.65 10.04
N ILE E 100 -13.96 24.41 10.52
CA ILE E 100 -13.46 25.11 11.66
C ILE E 100 -12.18 25.85 11.30
N LEU E 101 -12.13 27.12 11.67
CA LEU E 101 -10.94 27.95 11.51
C LEU E 101 -10.39 28.24 12.89
N TYR E 102 -9.09 28.02 13.10
CA TYR E 102 -8.41 28.59 14.27
C TYR E 102 -7.58 29.76 13.74
N PHE E 103 -7.95 30.97 14.15
CA PHE E 103 -7.53 32.18 13.48
C PHE E 103 -7.33 33.27 14.53
N GLN E 104 -6.14 33.86 14.54
CA GLN E 104 -5.72 34.84 15.57
C GLN E 104 -6.15 34.43 16.98
N GLY E 105 -6.07 33.13 17.29
CA GLY E 105 -6.32 32.64 18.65
C GLY E 105 -7.79 32.42 18.98
N ALA E 106 -8.67 32.62 17.99
CA ALA E 106 -10.10 32.34 18.13
C ALA E 106 -10.48 31.09 17.36
N LEU E 107 -11.51 30.41 17.84
CA LEU E 107 -12.06 29.26 17.16
C LEU E 107 -13.36 29.67 16.51
N ILE E 108 -13.43 29.57 15.19
CA ILE E 108 -14.63 29.86 14.42
C ILE E 108 -15.09 28.55 13.77
N SER E 109 -16.28 28.09 14.15
CA SER E 109 -16.84 26.91 13.55
C SER E 109 -18.08 27.27 12.74
N THR E 110 -18.27 26.56 11.62
CA THR E 110 -19.36 26.87 10.70
C THR E 110 -20.14 25.59 10.42
N ARG E 111 -21.45 25.73 10.30
CA ARG E 111 -22.32 24.60 10.07
C ARG E 111 -23.33 24.91 8.98
N LYS E 112 -23.89 23.86 8.39
CA LYS E 112 -25.02 24.01 7.47
C LYS E 112 -26.28 23.59 8.22
N ILE E 113 -26.20 22.45 8.88
CA ILE E 113 -27.34 21.89 9.60
C ILE E 113 -26.81 21.43 10.95
N PRO E 114 -27.64 21.52 12.01
CA PRO E 114 -27.16 21.24 13.37
C PRO E 114 -26.51 19.87 13.58
N SER E 115 -25.47 19.87 14.41
CA SER E 115 -24.78 18.67 14.88
C SER E 115 -25.19 18.44 16.34
N ARG E 116 -25.62 17.23 16.66
CA ARG E 116 -26.00 16.89 18.03
C ARG E 116 -24.78 17.01 18.97
N ALA E 117 -23.61 16.64 18.48
CA ALA E 117 -22.34 16.77 19.25
C ALA E 117 -22.08 18.20 19.75
N ILE E 118 -22.22 19.17 18.85
CA ILE E 118 -22.05 20.56 19.22
C ILE E 118 -23.20 21.13 20.10
N GLU E 120 -24.73 19.41 22.35
CA GLU E 120 -24.43 18.88 23.70
C GLU E 120 -23.36 19.73 24.40
N ILE E 121 -22.37 20.19 23.64
CA ILE E 121 -21.35 21.10 24.19
C ILE E 121 -21.95 22.44 24.57
N ARG E 122 -22.74 23.02 23.66
CA ARG E 122 -23.50 24.25 23.93
C ARG E 122 -24.42 24.14 25.18
N GLN E 123 -25.08 23.01 25.35
CA GLN E 123 -25.90 22.76 26.57
C GLN E 123 -25.06 22.73 27.86
N ALA E 124 -23.92 22.04 27.81
CA ALA E 124 -22.99 21.96 28.93
C ALA E 124 -22.44 23.34 29.34
N LEU E 125 -22.05 24.13 28.34
CA LEU E 125 -21.62 25.52 28.56
C LEU E 125 -22.72 26.33 29.23
N ALA E 126 -23.95 26.16 28.76
CA ALA E 126 -25.12 26.83 29.30
C ALA E 126 -25.35 26.45 30.78
N GLU E 127 -24.97 25.22 31.16
CA GLU E 127 -25.10 24.72 32.54
C GLU E 127 -23.84 24.97 33.35
N HIS E 128 -22.91 25.74 32.77
CA HIS E 128 -21.62 26.06 33.42
C HIS E 128 -20.75 24.82 33.68
N LYS E 129 -20.86 23.83 32.79
CA LYS E 129 -20.14 22.57 32.94
C LYS E 129 -19.42 22.19 31.64
N GLY E 130 -19.18 23.17 30.79
CA GLY E 130 -18.56 22.91 29.49
C GLY E 130 -17.04 22.89 29.55
N PRO E 131 -16.39 22.77 28.37
CA PRO E 131 -14.92 22.89 28.25
C PRO E 131 -14.36 24.16 28.91
N LYS E 132 -13.15 24.06 29.43
CA LYS E 132 -12.55 25.18 30.15
C LYS E 132 -11.54 25.97 29.32
N SER E 133 -11.40 25.63 28.03
CA SER E 133 -10.41 26.26 27.15
C SER E 133 -10.75 25.93 25.71
N LEU E 134 -10.17 26.67 24.76
CA LEU E 134 -10.38 26.35 23.34
C LEU E 134 -9.75 25.00 23.00
N ALA E 135 -8.61 24.67 23.61
CA ALA E 135 -7.99 23.34 23.41
C ALA E 135 -8.94 22.21 23.81
N SER E 136 -9.60 22.37 24.95
CA SER E 136 -10.57 21.38 25.39
C SER E 136 -11.83 21.38 24.53
N LEU E 137 -12.29 22.57 24.13
CA LEU E 137 -13.44 22.68 23.24
C LEU E 137 -13.27 21.87 21.95
N LEU E 138 -12.13 22.06 21.29
CA LEU E 138 -11.92 21.41 19.99
C LEU E 138 -11.82 19.89 20.17
N ASN E 139 -11.16 19.46 21.25
CA ASN E 139 -11.10 18.05 21.64
C ASN E 139 -12.50 17.47 21.82
N GLN E 140 -13.38 18.20 22.50
CA GLN E 140 -14.76 17.75 22.70
C GLN E 140 -15.57 17.70 21.41
N ILE E 141 -15.34 18.64 20.50
CA ILE E 141 -15.99 18.58 19.18
C ILE E 141 -15.60 17.29 18.43
N ILE E 142 -14.30 17.03 18.36
CA ILE E 142 -13.76 15.85 17.68
C ILE E 142 -14.33 14.57 18.33
N GLU E 143 -14.20 14.44 19.65
CA GLU E 143 -14.72 13.26 20.34
C GLU E 143 -16.25 13.17 20.30
N GLY E 144 -16.94 14.31 20.35
CA GLY E 144 -18.39 14.30 20.27
C GLY E 144 -18.87 13.71 18.94
N LEU E 145 -18.27 14.18 17.84
CA LEU E 145 -18.53 13.66 16.49
C LEU E 145 -18.24 12.16 16.37
N ASN E 146 -17.10 11.69 16.91
CA ASN E 146 -16.80 10.25 17.04
C ASN E 146 -17.90 9.49 17.77
N GLY E 147 -18.24 9.96 18.98
CA GLY E 147 -19.29 9.36 19.80
C GLY E 147 -20.60 9.15 19.04
N LYS E 148 -21.05 10.15 18.30
CA LYS E 148 -22.28 10.00 17.51
C LYS E 148 -22.16 9.06 16.32
N ILE E 149 -20.98 9.00 15.70
CA ILE E 149 -20.73 8.02 14.63
C ILE E 149 -20.79 6.61 15.22
N ASP E 150 -20.15 6.40 16.38
CA ASP E 150 -20.26 5.11 17.08
C ASP E 150 -21.71 4.72 17.30
N LEU E 151 -22.54 5.66 17.78
CA LEU E 151 -23.95 5.37 18.07
C LEU E 151 -24.67 4.92 16.81
N TYR E 152 -24.42 5.60 15.70
CA TYR E 152 -25.01 5.20 14.42
C TYR E 152 -24.52 3.81 13.98
N LEU E 153 -23.21 3.58 14.09
CA LEU E 153 -22.65 2.29 13.74
C LEU E 153 -23.29 1.14 14.51
N ASP E 154 -23.69 1.39 15.75
CA ASP E 154 -24.43 0.44 16.57
C ASP E 154 -25.75 0.03 15.91
N THR E 155 -26.43 0.97 15.24
CA THR E 155 -27.69 0.68 14.56
C THR E 155 -27.42 -0.22 13.36
N ILE E 156 -26.26 -0.04 12.74
CA ILE E 156 -25.87 -0.89 11.61
C ILE E 156 -25.53 -2.29 12.10
N GLU E 157 -24.79 -2.35 13.21
CA GLU E 157 -24.49 -3.62 13.87
C GLU E 157 -25.77 -4.43 14.17
N GLU E 158 -26.80 -3.75 14.67
CA GLU E 158 -28.14 -4.37 14.92
C GLU E 158 -28.71 -5.05 13.68
N THR E 159 -28.64 -4.35 12.55
CA THR E 159 -29.09 -4.86 11.27
C THR E 159 -28.32 -6.13 10.95
N LEU E 160 -26.99 -6.04 11.05
CA LEU E 160 -26.07 -7.13 10.72
C LEU E 160 -26.28 -8.38 11.59
N ASN E 161 -26.31 -8.20 12.91
CA ASN E 161 -26.52 -9.31 13.83
C ASN E 161 -27.83 -10.07 13.58
N GLU E 162 -28.77 -9.41 12.92
CA GLU E 162 -30.08 -10.00 12.65
C GLU E 162 -30.17 -10.67 11.26
N PHE E 163 -29.09 -10.62 10.48
CA PHE E 163 -29.03 -11.35 9.20
C PHE E 163 -29.25 -12.83 9.47
N ASP E 164 -30.24 -13.40 8.78
CA ASP E 164 -30.53 -14.82 8.87
C ASP E 164 -30.86 -15.29 7.45
N VAL E 165 -30.00 -16.16 6.93
CA VAL E 165 -30.06 -16.59 5.53
C VAL E 165 -31.38 -17.31 5.16
N ASN E 166 -32.05 -17.87 6.16
CA ASN E 166 -33.30 -18.60 5.94
C ASN E 166 -34.56 -17.74 6.13
N ASP E 167 -34.34 -16.45 6.36
CA ASP E 167 -35.43 -15.52 6.60
C ASP E 167 -35.23 -14.29 5.71
N GLU E 168 -35.88 -14.31 4.55
CA GLU E 168 -35.75 -13.24 3.54
C GLU E 168 -36.11 -11.85 4.05
N SER E 169 -36.94 -11.78 5.09
CA SER E 169 -37.31 -10.52 5.73
C SER E 169 -36.12 -9.82 6.40
N THR E 170 -35.04 -10.55 6.67
CA THR E 170 -33.83 -9.99 7.33
C THR E 170 -32.76 -9.46 6.34
N TYR E 171 -33.07 -9.53 5.04
CA TYR E 171 -32.10 -9.23 3.99
C TYR E 171 -31.92 -7.73 3.77
N ASN E 172 -31.48 -7.01 4.80
CA ASN E 172 -31.31 -5.55 4.71
C ASN E 172 -29.85 -5.16 4.45
N HIS E 173 -29.10 -6.08 3.87
CA HIS E 173 -27.66 -5.93 3.70
C HIS E 173 -27.28 -4.95 2.58
N ILE E 174 -28.18 -4.77 1.62
CA ILE E 174 -27.93 -3.80 0.56
C ILE E 174 -28.00 -2.41 1.18
N ALA E 175 -29.02 -2.18 2.02
CA ALA E 175 -29.20 -0.90 2.73
C ALA E 175 -28.01 -0.62 3.63
N ALA E 176 -27.56 -1.64 4.36
CA ALA E 176 -26.44 -1.49 5.30
C ALA E 176 -25.13 -1.13 4.61
N GLN E 177 -24.84 -1.81 3.51
CA GLN E 177 -23.63 -1.54 2.76
C GLN E 177 -23.61 -0.14 2.14
N LYS E 178 -24.75 0.30 1.62
CA LYS E 178 -24.89 1.67 1.12
C LYS E 178 -24.55 2.67 2.24
N ALA E 179 -25.09 2.41 3.43
CA ALA E 179 -24.84 3.26 4.57
C ALA E 179 -23.35 3.28 4.92
N LEU E 180 -22.72 2.10 4.94
CA LEU E 180 -21.32 1.95 5.29
C LEU E 180 -20.39 2.61 4.28
N ILE E 181 -20.58 2.40 2.97
CA ILE E 181 -19.69 3.10 2.00
C ILE E 181 -19.85 4.62 2.01
N SER E 182 -21.08 5.09 2.24
CA SER E 182 -21.35 6.52 2.39
C SER E 182 -20.58 7.11 3.58
N ILE E 183 -20.57 6.42 4.73
CA ILE E 183 -19.80 6.82 5.94
C ILE E 183 -18.31 6.76 5.67
N LYS E 184 -17.89 5.66 5.06
CA LYS E 184 -16.45 5.40 4.87
C LYS E 184 -15.80 6.49 4.02
N ARG E 185 -16.56 6.98 3.03
CA ARG E 185 -16.14 8.06 2.14
C ARG E 185 -15.52 9.24 2.89
N PHE E 186 -16.09 9.56 4.05
CA PHE E 186 -15.63 10.70 4.87
C PHE E 186 -14.83 10.30 6.12
N ILE E 187 -15.09 9.13 6.64
CA ILE E 187 -14.48 8.74 7.90
C ILE E 187 -13.01 8.36 7.75
N ARG E 188 -12.66 7.77 6.61
CA ARG E 188 -11.25 7.57 6.27
C ARG E 188 -10.44 8.91 6.26
N PRO E 189 -10.86 9.91 5.44
CA PRO E 189 -10.21 11.24 5.52
C PRO E 189 -10.20 11.89 6.91
N GLN E 190 -11.26 11.68 7.70
CA GLN E 190 -11.34 12.24 9.06
C GLN E 190 -10.21 11.72 9.93
N GLN E 191 -9.90 10.44 9.78
CA GLN E 191 -8.76 9.86 10.49
C GLN E 191 -7.47 10.59 10.15
N TYR E 192 -7.23 10.82 8.86
CA TYR E 192 -6.03 11.51 8.42
C TYR E 192 -5.99 12.98 8.84
N ALA E 193 -7.16 13.64 8.88
CA ALA E 193 -7.28 15.04 9.31
C ALA E 193 -6.87 15.18 10.77
N ILE E 194 -7.35 14.25 11.60
CA ILE E 194 -6.99 14.23 13.01
C ILE E 194 -5.49 13.91 13.20
N ARG E 195 -4.97 12.96 12.43
CA ARG E 195 -3.52 12.69 12.47
C ARG E 195 -2.74 13.96 12.14
N ASP E 196 -3.15 14.61 11.06
CA ASP E 196 -2.50 15.82 10.58
C ASP E 196 -2.58 16.94 11.60
N LEU E 197 -3.73 17.10 12.23
CA LEU E 197 -3.87 18.08 13.28
C LEU E 197 -2.86 17.80 14.39
N ILE E 198 -2.74 16.54 14.80
CA ILE E 198 -1.79 16.17 15.88
C ILE E 198 -0.35 16.46 15.47
N GLU E 199 0.02 16.08 14.26
CA GLU E 199 1.43 16.23 13.83
C GLU E 199 1.85 17.69 13.64
N SER E 200 0.87 18.59 13.59
CA SER E 200 1.09 20.04 13.43
C SER E 200 1.76 20.69 14.65
N GLU E 201 1.61 20.06 15.81
CA GLU E 201 2.17 20.61 17.07
C GLU E 201 1.47 21.91 17.46
N SER E 202 0.21 22.04 17.07
CA SER E 202 -0.61 23.17 17.46
C SER E 202 -0.67 23.23 18.97
N GLU E 203 -0.62 24.45 19.52
CA GLU E 203 -0.76 24.70 20.95
C GLU E 203 -2.05 24.07 21.53
N LEU E 204 -3.09 23.99 20.70
CA LEU E 204 -4.32 23.34 21.09
C LEU E 204 -4.16 21.83 21.27
N VAL E 205 -3.15 21.25 20.63
CA VAL E 205 -2.87 19.83 20.71
C VAL E 205 -1.81 19.54 21.79
N THR E 206 -0.74 20.34 21.80
CA THR E 206 0.35 20.10 22.73
C THR E 206 -0.03 20.29 24.21
N SER E 207 -1.10 21.06 24.47
CA SER E 207 -1.58 21.21 25.85
C SER E 207 -2.42 20.01 26.33
N ARG E 208 -2.85 19.17 25.38
CA ARG E 208 -3.65 17.97 25.65
C ARG E 208 -3.12 16.82 24.80
N PRO E 209 -1.81 16.46 24.95
CA PRO E 209 -1.26 15.52 23.97
C PRO E 209 -1.88 14.11 24.00
N HIS E 210 -2.14 13.58 25.19
CA HIS E 210 -2.70 12.22 25.29
C HIS E 210 -4.17 12.16 24.93
N GLN E 211 -4.93 13.20 25.29
CA GLN E 211 -6.34 13.26 24.92
C GLN E 211 -6.55 13.24 23.40
N TYR E 212 -5.77 14.04 22.67
CA TYR E 212 -5.91 14.06 21.21
C TYR E 212 -5.51 12.70 20.60
N ARG E 213 -4.52 12.04 21.18
CA ARG E 213 -4.18 10.67 20.75
C ARG E 213 -5.26 9.61 20.98
N PHE E 214 -5.95 9.68 22.13
CA PHE E 214 -7.17 8.89 22.37
C PHE E 214 -8.26 9.16 21.32
N ALA E 215 -8.45 10.42 20.95
CA ALA E 215 -9.40 10.78 19.88
C ALA E 215 -8.99 10.18 18.52
N HIS E 216 -7.71 10.26 18.21
CA HIS E 216 -7.17 9.59 17.03
C HIS E 216 -7.37 8.05 17.06
N ASN E 217 -7.09 7.43 18.21
CA ASN E 217 -7.32 5.99 18.38
C ASN E 217 -8.80 5.65 18.17
N ASN E 218 -9.69 6.48 18.71
CA ASN E 218 -11.13 6.27 18.47
C ASN E 218 -11.57 6.32 17.01
N ILE E 219 -11.09 7.30 16.24
CA ILE E 219 -11.47 7.38 14.82
C ILE E 219 -10.87 6.19 14.04
N THR E 220 -9.64 5.78 14.41
CA THR E 220 -9.00 4.60 13.80
C THR E 220 -9.85 3.36 14.07
N ARG E 221 -10.26 3.18 15.34
CA ARG E 221 -11.18 2.09 15.70
C ARG E 221 -12.46 2.11 14.86
N ILE E 222 -13.06 3.30 14.71
CA ILE E 222 -14.25 3.46 13.85
C ILE E 222 -14.00 2.93 12.43
N ASN E 223 -12.92 3.36 11.80
CA ASN E 223 -12.55 2.92 10.45
C ASN E 223 -12.38 1.40 10.35
N GLU E 224 -11.72 0.81 11.33
CA GLU E 224 -11.58 -0.65 11.37
C GLU E 224 -12.91 -1.38 11.54
N THR E 225 -13.80 -0.82 12.35
CA THR E 225 -15.13 -1.40 12.56
C THR E 225 -15.96 -1.38 11.28
N ILE E 226 -15.92 -0.25 10.58
CA ILE E 226 -16.56 -0.12 9.26
C ILE E 226 -16.07 -1.21 8.29
N GLU E 227 -14.76 -1.42 8.22
CA GLU E 227 -14.20 -2.45 7.33
C GLU E 227 -14.65 -3.83 7.73
N PHE E 228 -14.77 -4.05 9.03
CA PHE E 228 -15.27 -5.32 9.52
C PHE E 228 -16.74 -5.51 9.12
N TYR E 229 -17.57 -4.48 9.32
CA TYR E 229 -18.99 -4.61 8.95
C TYR E 229 -19.16 -4.82 7.44
N LEU E 230 -18.33 -4.15 6.65
CA LEU E 230 -18.34 -4.34 5.20
C LEU E 230 -17.96 -5.78 4.86
N GLY E 231 -17.05 -6.36 5.65
CA GLY E 231 -16.66 -7.77 5.51
C GLY E 231 -17.78 -8.72 5.86
N GLU E 232 -18.54 -8.40 6.91
CA GLU E 232 -19.75 -9.15 7.26
C GLU E 232 -20.87 -9.06 6.20
N VAL E 233 -21.00 -7.93 5.52
CA VAL E 233 -22.03 -7.82 4.48
C VAL E 233 -21.69 -8.70 3.27
N ALA E 234 -20.42 -8.64 2.84
CA ALA E 234 -19.90 -9.51 1.79
C ALA E 234 -20.09 -11.01 2.08
N LEU E 235 -19.91 -11.39 3.34
CA LEU E 235 -20.09 -12.79 3.74
C LEU E 235 -21.55 -13.20 3.73
N PHE E 236 -22.44 -12.31 4.18
CA PHE E 236 -23.87 -12.62 4.11
C PHE E 236 -24.35 -12.75 2.67
N GLN E 237 -23.74 -11.99 1.76
CA GLN E 237 -23.99 -12.13 0.31
C GLN E 237 -23.56 -13.50 -0.22
N ASP E 238 -22.42 -13.98 0.26
CA ASP E 238 -21.96 -15.35 -0.03
C ASP E 238 -22.91 -16.41 0.57
N GLU E 239 -23.40 -16.15 1.78
CA GLU E 239 -24.38 -17.03 2.43
C GLU E 239 -25.64 -17.23 1.60
N ILE E 240 -26.22 -16.12 1.16
CA ILE E 240 -27.42 -16.11 0.31
C ILE E 240 -27.18 -16.84 -1.01
N LYS E 241 -26.10 -16.50 -1.69
CA LYS E 241 -25.78 -17.06 -3.01
C LYS E 241 -25.65 -18.58 -2.95
N HIS E 242 -24.95 -19.07 -1.94
CA HIS E 242 -24.78 -20.49 -1.68
C HIS E 242 -26.11 -21.18 -1.39
N ASN E 243 -26.87 -20.61 -0.46
CA ASN E 243 -28.20 -21.11 -0.07
C ASN E 243 -29.19 -21.19 -1.25
N ARG E 244 -29.06 -20.25 -2.17
CA ARG E 244 -30.01 -20.09 -3.28
C ARG E 244 -29.87 -21.18 -4.33
N ASP E 245 -28.65 -21.38 -4.84
CA ASP E 245 -28.42 -22.41 -5.85
C ASP E 245 -27.98 -23.78 -5.31
N GLU E 246 -27.93 -23.93 -3.99
CA GLU E 246 -27.79 -25.27 -3.38
C GLU E 246 -29.17 -25.91 -3.20
N LYS E 247 -30.16 -25.08 -2.86
CA LYS E 247 -31.53 -25.55 -2.61
C LYS E 247 -32.50 -24.81 -3.53
#